data_9FCN
#
_entry.id   9FCN
#
_cell.length_a   49.322
_cell.length_b   93.996
_cell.length_c   89.275
_cell.angle_alpha   90.000
_cell.angle_beta   97.601
_cell.angle_gamma   90.000
#
_symmetry.space_group_name_H-M   'P 1 21 1'
#
loop_
_entity.id
_entity.type
_entity.pdbx_description
1 polymer '12-oxophytodienoate reductase 3,Old yellow enzyme OYE4'
2 non-polymer 'FLAVIN MONONUCLEOTIDE'
3 non-polymer '1,4,5,6-TETRAHYDRONICOTINAMIDE ADENINE DINUCLEOTIDE PHOSPHATE'
4 water water
#
_entity_poly.entity_id   1
_entity_poly.type   'polypeptide(L)'
_entity_poly.pdbx_seq_one_letter_code
;MASHHHHHHMASSAQDGNNPLFSPYKMGKFNLSHRVVLAPMTRCRALNNIPQAALGEYYEQRATAGGFLITEGTMISPTS
AGFPHVPGIFTKEQVREWKKIVDVVHAKGAVIFCQLWHVGRASHEVYQPAGAAPISSTEKPISNRWRILMPDGTHGIYPK
PRAIGTYEISQVVEDYRRSALNAIEAGFDGIEIHGAHGYLIDQFLKDGINDRTDEYGGSLANRCKFITQVVQAVVSAIGA
DRVGVRVSPAIDHLDAMDSNPLSLGLAVVERLNKIQLHSGSKLAYLHVTAEADWDDAPDMPEEEEARLMRTLRNAYQGTF
ICSGGYTRELGIEAVAQGDADLVSYGRLFISNPDLVMRIKLNAPLNKYNRKTFYTQDPVVGYTDYPFLQGNGSNGPLSRL
;
_entity_poly.pdbx_strand_id   A,B
#
# COMPACT_ATOMS: atom_id res chain seq x y z
N ASN A 19 -18.03 5.90 -39.98
CA ASN A 19 -17.27 6.32 -38.80
C ASN A 19 -15.78 6.24 -39.08
N PRO A 20 -15.12 7.39 -39.17
CA PRO A 20 -13.67 7.39 -39.45
C PRO A 20 -12.82 6.85 -38.30
N LEU A 21 -13.35 6.82 -37.08
CA LEU A 21 -12.59 6.27 -35.96
C LEU A 21 -12.34 4.77 -36.11
N PHE A 22 -13.09 4.09 -36.98
CA PHE A 22 -12.96 2.65 -37.14
C PHE A 22 -12.43 2.27 -38.51
N SER A 23 -11.77 3.19 -39.20
CA SER A 23 -10.97 2.78 -40.35
C SER A 23 -9.59 2.34 -39.86
N PRO A 24 -9.00 1.33 -40.50
CA PRO A 24 -7.70 0.82 -40.02
C PRO A 24 -6.60 1.85 -40.21
N TYR A 25 -5.54 1.70 -39.41
CA TYR A 25 -4.40 2.58 -39.47
C TYR A 25 -3.14 1.80 -39.13
N LYS A 26 -2.07 2.05 -39.89
CA LYS A 26 -0.81 1.36 -39.72
C LYS A 26 0.11 2.23 -38.86
N MET A 27 0.31 1.83 -37.61
CA MET A 27 1.21 2.54 -36.71
C MET A 27 2.50 1.74 -36.65
N GLY A 28 3.46 2.12 -37.50
CA GLY A 28 4.69 1.34 -37.59
C GLY A 28 4.39 -0.01 -38.21
N LYS A 29 4.78 -1.07 -37.51
CA LYS A 29 4.52 -2.43 -37.96
C LYS A 29 3.29 -3.03 -37.30
N PHE A 30 2.49 -2.22 -36.60
CA PHE A 30 1.26 -2.66 -35.95
C PHE A 30 0.09 -2.08 -36.74
N ASN A 31 -0.68 -2.95 -37.40
CA ASN A 31 -1.80 -2.52 -38.22
C ASN A 31 -3.05 -2.48 -37.35
N LEU A 32 -3.35 -1.30 -36.81
CA LEU A 32 -4.49 -1.15 -35.92
C LEU A 32 -5.79 -1.18 -36.71
N SER A 33 -6.83 -1.77 -36.11
CA SER A 33 -8.13 -1.88 -36.76
C SER A 33 -9.07 -0.72 -36.41
N HIS A 34 -8.70 0.10 -35.42
CA HIS A 34 -9.46 1.30 -35.11
C HIS A 34 -8.52 2.30 -34.45
N ARG A 35 -9.03 3.51 -34.24
CA ARG A 35 -8.20 4.64 -33.82
C ARG A 35 -8.49 5.12 -32.40
N VAL A 36 -9.30 4.38 -31.64
CA VAL A 36 -9.56 4.73 -30.25
C VAL A 36 -8.43 4.16 -29.40
N VAL A 37 -7.73 5.04 -28.68
CA VAL A 37 -6.54 4.68 -27.91
C VAL A 37 -6.82 4.89 -26.44
N LEU A 38 -6.33 3.95 -25.62
CA LEU A 38 -6.37 4.10 -24.16
C LEU A 38 -5.23 5.02 -23.74
N ALA A 39 -5.57 6.20 -23.22
CA ALA A 39 -4.55 7.12 -22.76
C ALA A 39 -3.89 6.59 -21.48
N PRO A 40 -2.60 6.88 -21.28
CA PRO A 40 -1.94 6.43 -20.05
C PRO A 40 -2.57 7.09 -18.83
N MET A 41 -2.85 6.28 -17.80
CA MET A 41 -3.53 6.78 -16.63
C MET A 41 -3.04 6.05 -15.38
N THR A 42 -2.41 6.81 -14.48
CA THR A 42 -2.01 6.30 -13.18
C THR A 42 -3.24 5.96 -12.34
N ARG A 43 -3.27 4.74 -11.81
CA ARG A 43 -4.37 4.29 -10.97
C ARG A 43 -3.94 3.83 -9.58
N CYS A 44 -2.64 3.62 -9.36
CA CYS A 44 -2.08 3.32 -8.04
C CYS A 44 -2.60 1.99 -7.49
N ARG A 45 -2.70 0.97 -8.35
CA ARG A 45 -3.06 -0.38 -7.92
C ARG A 45 -1.89 -1.34 -7.91
N ALA A 46 -0.74 -0.97 -8.47
CA ALA A 46 0.45 -1.83 -8.49
C ALA A 46 1.13 -1.70 -7.13
N LEU A 47 0.61 -2.45 -6.16
CA LEU A 47 1.07 -2.34 -4.78
C LEU A 47 2.56 -2.62 -4.67
N ASN A 48 3.27 -1.75 -3.94
CA ASN A 48 4.71 -1.88 -3.70
C ASN A 48 5.49 -1.84 -5.01
N ASN A 49 5.00 -1.05 -5.97
CA ASN A 49 5.56 -0.88 -7.30
C ASN A 49 5.62 -2.18 -8.11
N ILE A 50 4.89 -3.21 -7.67
CA ILE A 50 4.88 -4.49 -8.36
C ILE A 50 3.56 -4.62 -9.13
N PRO A 51 3.60 -4.81 -10.44
CA PRO A 51 2.35 -4.96 -11.21
C PRO A 51 1.54 -6.15 -10.71
N GLN A 52 0.36 -5.88 -10.19
CA GLN A 52 -0.51 -6.89 -9.62
C GLN A 52 -1.37 -7.53 -10.70
N ALA A 53 -2.05 -8.61 -10.32
CA ALA A 53 -2.99 -9.28 -11.24
C ALA A 53 -4.19 -8.40 -11.56
N ALA A 54 -4.53 -7.46 -10.68
CA ALA A 54 -5.65 -6.56 -10.95
C ALA A 54 -5.38 -5.70 -12.18
N LEU A 55 -4.12 -5.34 -12.42
CA LEU A 55 -3.78 -4.59 -13.64
C LEU A 55 -4.10 -5.40 -14.88
N GLY A 56 -3.74 -6.69 -14.89
CA GLY A 56 -4.07 -7.54 -16.02
C GLY A 56 -5.57 -7.59 -16.28
N GLU A 57 -6.36 -7.74 -15.22
CA GLU A 57 -7.81 -7.69 -15.37
C GLU A 57 -8.27 -6.34 -15.88
N TYR A 58 -7.64 -5.26 -15.40
CA TYR A 58 -8.04 -3.92 -15.81
C TYR A 58 -7.77 -3.67 -17.29
N TYR A 59 -6.55 -4.00 -17.75
CA TYR A 59 -6.23 -3.77 -19.15
C TYR A 59 -6.95 -4.77 -20.06
N GLU A 60 -7.27 -5.96 -19.56
CA GLU A 60 -7.99 -6.93 -20.39
C GLU A 60 -9.41 -6.47 -20.68
N GLN A 61 -10.07 -5.86 -19.68
CA GLN A 61 -11.42 -5.37 -19.89
C GLN A 61 -11.47 -4.32 -21.01
N ARG A 62 -10.39 -3.59 -21.21
CA ARG A 62 -10.35 -2.50 -22.17
C ARG A 62 -9.64 -2.84 -23.47
N ALA A 63 -9.01 -4.00 -23.55
CA ALA A 63 -8.32 -4.40 -24.77
C ALA A 63 -9.33 -4.87 -25.82
N THR A 64 -9.08 -4.47 -27.07
CA THR A 64 -9.88 -4.90 -28.20
C THR A 64 -8.95 -5.42 -29.29
N ALA A 65 -9.52 -6.24 -30.18
CA ALA A 65 -8.75 -6.79 -31.29
C ALA A 65 -8.31 -5.67 -32.22
N GLY A 66 -6.99 -5.47 -32.32
CA GLY A 66 -6.47 -4.39 -33.14
C GLY A 66 -6.51 -3.03 -32.48
N GLY A 67 -6.66 -2.97 -31.16
CA GLY A 67 -6.70 -1.72 -30.44
C GLY A 67 -5.37 -1.41 -29.77
N PHE A 68 -5.08 -0.12 -29.62
CA PHE A 68 -3.83 0.34 -29.04
C PHE A 68 -4.06 0.82 -27.61
N LEU A 69 -3.29 0.25 -26.69
CA LEU A 69 -3.36 0.61 -25.27
C LEU A 69 -2.03 1.16 -24.80
N ILE A 70 -2.08 2.19 -23.96
CA ILE A 70 -0.89 2.76 -23.34
C ILE A 70 -1.05 2.64 -21.83
N THR A 71 -0.07 2.03 -21.17
CA THR A 71 -0.18 1.77 -19.74
C THR A 71 0.00 3.05 -18.93
N GLU A 72 -0.34 2.96 -17.65
CA GLU A 72 -0.04 3.98 -16.67
C GLU A 72 1.45 4.31 -16.66
N GLY A 73 1.81 5.47 -16.11
CA GLY A 73 3.21 5.80 -15.96
C GLY A 73 3.94 4.76 -15.13
N THR A 74 5.12 4.37 -15.59
CA THR A 74 5.88 3.28 -14.99
C THR A 74 7.26 3.77 -14.61
N MET A 75 7.70 3.43 -13.40
CA MET A 75 8.98 3.90 -12.89
C MET A 75 10.14 3.36 -13.72
N ILE A 76 11.19 4.18 -13.86
CA ILE A 76 12.41 3.76 -14.53
C ILE A 76 13.57 3.58 -13.56
N SER A 77 13.39 3.93 -12.29
CA SER A 77 14.46 3.89 -11.30
C SER A 77 13.82 4.03 -9.92
N PRO A 78 14.54 3.66 -8.86
CA PRO A 78 13.99 3.82 -7.51
C PRO A 78 13.66 5.25 -7.12
N THR A 79 14.15 6.25 -7.86
CA THR A 79 13.95 7.65 -7.51
C THR A 79 12.95 8.35 -8.41
N SER A 80 12.26 7.61 -9.28
CA SER A 80 11.40 8.23 -10.30
C SER A 80 9.93 8.28 -9.90
N ALA A 81 9.57 7.81 -8.72
CA ALA A 81 8.16 7.76 -8.32
C ALA A 81 7.76 9.02 -7.56
N GLY A 82 6.51 9.42 -7.77
CA GLY A 82 5.93 10.55 -7.06
C GLY A 82 4.48 10.30 -6.69
N PHE A 83 4.02 9.08 -6.96
CA PHE A 83 2.69 8.60 -6.62
C PHE A 83 2.80 7.27 -5.89
N PRO A 84 1.82 6.94 -5.06
CA PRO A 84 1.91 5.68 -4.31
C PRO A 84 1.51 4.48 -5.16
N HIS A 85 2.28 3.40 -5.01
CA HIS A 85 1.97 2.11 -5.62
C HIS A 85 1.80 2.22 -7.14
N VAL A 86 2.77 2.88 -7.77
CA VAL A 86 2.82 2.93 -9.23
C VAL A 86 3.75 1.83 -9.71
N PRO A 87 3.44 1.21 -10.87
CA PRO A 87 4.28 0.14 -11.40
C PRO A 87 5.65 0.58 -11.81
N GLY A 88 6.63 -0.30 -11.62
CA GLY A 88 8.00 -0.06 -12.08
C GLY A 88 8.38 -1.08 -13.12
N ILE A 89 9.48 -0.84 -13.83
CA ILE A 89 9.96 -1.78 -14.88
C ILE A 89 11.50 -1.79 -14.80
N PHE A 90 12.04 -1.54 -13.61
CA PHE A 90 13.51 -1.48 -13.43
C PHE A 90 14.03 -2.70 -12.63
N THR A 91 13.13 -3.56 -12.15
CA THR A 91 13.53 -4.78 -11.39
C THR A 91 13.21 -6.02 -12.19
N LYS A 92 13.91 -7.12 -11.90
CA LYS A 92 13.59 -8.36 -12.59
C LYS A 92 12.20 -8.87 -12.21
N GLU A 93 11.78 -8.65 -10.96
CA GLU A 93 10.46 -9.10 -10.55
C GLU A 93 9.35 -8.34 -11.27
N GLN A 94 9.53 -7.02 -11.45
CA GLN A 94 8.54 -6.23 -12.17
C GLN A 94 8.41 -6.68 -13.62
N VAL A 95 9.52 -7.10 -14.24
CA VAL A 95 9.46 -7.61 -15.60
C VAL A 95 8.63 -8.88 -15.66
N ARG A 96 8.82 -9.80 -14.71
CA ARG A 96 8.09 -11.05 -14.73
C ARG A 96 6.59 -10.83 -14.53
N GLU A 97 6.22 -9.90 -13.65
CA GLU A 97 4.81 -9.64 -13.41
C GLU A 97 4.18 -8.84 -14.56
N TRP A 98 4.94 -7.95 -15.19
CA TRP A 98 4.44 -7.30 -16.41
C TRP A 98 4.17 -8.31 -17.51
N LYS A 99 5.01 -9.35 -17.58
CA LYS A 99 4.89 -10.35 -18.65
C LYS A 99 3.52 -11.01 -18.63
N LYS A 100 3.01 -11.31 -17.43
CA LYS A 100 1.69 -11.92 -17.33
C LYS A 100 0.59 -10.98 -17.79
N ILE A 101 0.79 -9.67 -17.59
CA ILE A 101 -0.22 -8.70 -18.00
C ILE A 101 -0.23 -8.52 -19.51
N VAL A 102 0.95 -8.49 -20.12
CA VAL A 102 1.04 -8.31 -21.57
C VAL A 102 0.50 -9.54 -22.30
N ASP A 103 0.75 -10.74 -21.76
CA ASP A 103 0.23 -11.95 -22.39
C ASP A 103 -1.29 -11.95 -22.39
N VAL A 104 -1.90 -11.50 -21.30
CA VAL A 104 -3.36 -11.42 -21.23
C VAL A 104 -3.88 -10.40 -22.24
N VAL A 105 -3.20 -9.26 -22.37
CA VAL A 105 -3.62 -8.24 -23.32
C VAL A 105 -3.42 -8.73 -24.76
N HIS A 106 -2.27 -9.36 -25.03
CA HIS A 106 -2.01 -9.85 -26.39
C HIS A 106 -2.95 -10.98 -26.77
N ALA A 107 -3.43 -11.76 -25.79
CA ALA A 107 -4.41 -12.79 -26.08
C ALA A 107 -5.73 -12.20 -26.59
N LYS A 108 -5.98 -10.92 -26.33
CA LYS A 108 -7.13 -10.22 -26.87
C LYS A 108 -6.85 -9.59 -28.23
N GLY A 109 -5.62 -9.67 -28.71
CA GLY A 109 -5.29 -9.11 -30.01
C GLY A 109 -5.06 -7.62 -30.00
N ALA A 110 -4.59 -7.07 -28.89
CA ALA A 110 -4.37 -5.64 -28.75
C ALA A 110 -2.87 -5.32 -28.74
N VAL A 111 -2.56 -4.07 -29.07
CA VAL A 111 -1.21 -3.54 -28.99
C VAL A 111 -1.10 -2.71 -27.73
N ILE A 112 -0.01 -2.86 -27.00
CA ILE A 112 0.16 -2.18 -25.72
C ILE A 112 1.57 -1.61 -25.61
N PHE A 113 1.67 -0.34 -25.22
CA PHE A 113 2.93 0.33 -24.94
C PHE A 113 3.02 0.65 -23.46
N CYS A 114 4.24 0.61 -22.93
CA CYS A 114 4.51 0.96 -21.54
C CYS A 114 5.08 2.36 -21.47
N GLN A 115 4.42 3.25 -20.72
CA GLN A 115 4.88 4.62 -20.59
C GLN A 115 5.95 4.70 -19.52
N LEU A 116 7.15 5.13 -19.90
CA LEU A 116 8.24 5.32 -18.96
C LEU A 116 8.12 6.71 -18.34
N TRP A 117 8.05 6.77 -17.01
CA TRP A 117 7.64 7.97 -16.30
C TRP A 117 8.63 8.27 -15.17
N HIS A 118 9.23 9.45 -15.22
CA HIS A 118 10.05 9.98 -14.13
C HIS A 118 9.42 11.29 -13.68
N VAL A 119 9.10 11.37 -12.38
CA VAL A 119 8.36 12.53 -11.87
C VAL A 119 9.25 13.75 -11.64
N GLY A 120 10.55 13.55 -11.50
CA GLY A 120 11.42 14.69 -11.22
C GLY A 120 11.13 15.27 -9.85
N ARG A 121 10.93 16.59 -9.81
CA ARG A 121 10.71 17.29 -8.55
C ARG A 121 9.31 17.08 -7.99
N ALA A 122 8.42 16.42 -8.74
CA ALA A 122 7.05 16.17 -8.28
C ALA A 122 7.00 14.88 -7.45
N SER A 123 7.78 14.89 -6.37
CA SER A 123 7.88 13.72 -5.50
C SER A 123 7.88 14.21 -4.06
N HIS A 124 8.24 13.30 -3.15
CA HIS A 124 8.24 13.57 -1.73
C HIS A 124 9.23 12.62 -1.08
N GLU A 125 9.71 13.00 0.11
CA GLU A 125 10.66 12.16 0.83
C GLU A 125 10.11 10.76 1.08
N VAL A 126 8.78 10.63 1.24
CA VAL A 126 8.19 9.33 1.50
C VAL A 126 8.23 8.44 0.27
N TYR A 127 8.40 9.02 -0.92
CA TYR A 127 8.49 8.25 -2.16
C TYR A 127 9.93 7.97 -2.58
N GLN A 128 10.90 8.63 -1.97
CA GLN A 128 12.30 8.53 -2.33
C GLN A 128 13.04 7.58 -1.40
N PRO A 129 14.04 6.86 -1.92
CA PRO A 129 14.84 5.97 -1.06
C PRO A 129 15.59 6.77 0.01
N ALA A 130 15.52 6.28 1.25
CA ALA A 130 16.17 6.89 2.40
C ALA A 130 15.68 8.32 2.65
N GLY A 131 14.48 8.66 2.18
CA GLY A 131 13.96 10.00 2.35
C GLY A 131 14.75 11.09 1.68
N ALA A 132 15.53 10.74 0.65
CA ALA A 132 16.35 11.74 -0.03
C ALA A 132 15.48 12.72 -0.80
N ALA A 133 16.08 13.84 -1.18
CA ALA A 133 15.36 14.84 -1.95
C ALA A 133 15.18 14.37 -3.40
N PRO A 134 14.08 14.75 -4.04
CA PRO A 134 13.90 14.42 -5.45
C PRO A 134 14.92 15.16 -6.32
N ILE A 135 15.07 14.67 -7.55
CA ILE A 135 16.00 15.27 -8.50
C ILE A 135 15.21 16.07 -9.53
N SER A 136 15.86 17.05 -10.13
CA SER A 136 15.23 17.90 -11.14
C SER A 136 16.31 18.66 -11.87
N SER A 137 15.89 19.45 -12.86
CA SER A 137 16.81 20.36 -13.54
C SER A 137 17.17 21.55 -12.67
N THR A 138 16.37 21.85 -11.65
CA THR A 138 16.51 23.06 -10.85
C THR A 138 16.42 22.71 -9.38
N GLU A 139 16.71 23.71 -8.54
CA GLU A 139 16.47 23.62 -7.10
C GLU A 139 15.13 24.22 -6.70
N LYS A 140 14.44 24.89 -7.61
CA LYS A 140 13.16 25.51 -7.26
C LYS A 140 12.11 24.42 -7.05
N PRO A 141 11.41 24.42 -5.92
CA PRO A 141 10.34 23.46 -5.72
C PRO A 141 9.05 23.93 -6.40
N ILE A 142 8.13 22.97 -6.56
CA ILE A 142 6.78 23.32 -6.97
C ILE A 142 6.17 24.23 -5.91
N SER A 143 5.50 25.30 -6.37
CA SER A 143 4.95 26.27 -5.43
C SER A 143 3.89 25.64 -4.53
N ASN A 144 3.56 26.35 -3.45
CA ASN A 144 2.62 25.84 -2.45
C ASN A 144 1.19 25.77 -2.96
N ARG A 145 0.90 26.29 -4.15
CA ARG A 145 -0.43 26.16 -4.75
C ARG A 145 -0.77 24.72 -5.11
N TRP A 146 0.23 23.88 -5.35
CA TRP A 146 0.02 22.47 -5.66
C TRP A 146 0.42 21.62 -4.47
N ARG A 147 -0.32 20.53 -4.24
CA ARG A 147 -0.06 19.60 -3.16
C ARG A 147 0.03 18.19 -3.71
N ILE A 148 0.86 17.37 -3.06
CA ILE A 148 1.14 16.02 -3.53
C ILE A 148 0.31 15.02 -2.72
N LEU A 149 -0.23 14.02 -3.40
CA LEU A 149 -0.97 12.97 -2.73
C LEU A 149 -0.03 12.08 -1.93
N MET A 150 -0.35 11.85 -0.66
CA MET A 150 0.47 11.05 0.22
C MET A 150 -0.03 9.60 0.25
N PRO A 151 0.82 8.66 0.67
CA PRO A 151 0.38 7.26 0.73
C PRO A 151 -0.87 7.04 1.57
N ASP A 152 -1.10 7.86 2.61
CA ASP A 152 -2.23 7.66 3.50
C ASP A 152 -3.49 8.39 3.03
N GLY A 153 -3.50 8.93 1.82
CA GLY A 153 -4.66 9.63 1.30
C GLY A 153 -4.72 11.11 1.58
N THR A 154 -3.84 11.62 2.44
CA THR A 154 -3.78 13.06 2.70
C THR A 154 -2.92 13.71 1.62
N HIS A 155 -2.66 15.01 1.77
CA HIS A 155 -1.85 15.75 0.83
C HIS A 155 -0.69 16.42 1.56
N GLY A 156 0.46 16.49 0.90
CA GLY A 156 1.66 17.02 1.52
C GLY A 156 2.32 18.14 0.73
N ILE A 157 3.57 18.44 1.08
CA ILE A 157 4.29 19.58 0.51
C ILE A 157 5.39 19.05 -0.41
N TYR A 158 5.47 19.61 -1.61
CA TYR A 158 6.59 19.32 -2.50
C TYR A 158 7.85 19.94 -1.93
N PRO A 159 8.91 19.17 -1.70
CA PRO A 159 10.15 19.71 -1.16
C PRO A 159 11.04 20.30 -2.25
N LYS A 160 12.12 20.93 -1.81
CA LYS A 160 13.12 21.44 -2.75
C LYS A 160 13.84 20.28 -3.43
N PRO A 161 13.88 20.23 -4.75
CA PRO A 161 14.61 19.17 -5.44
C PRO A 161 16.10 19.45 -5.47
N ARG A 162 16.84 18.46 -5.98
CA ARG A 162 18.28 18.55 -6.15
C ARG A 162 18.58 18.70 -7.63
N ALA A 163 19.25 19.79 -8.00
CA ALA A 163 19.62 20.03 -9.39
C ALA A 163 20.79 19.13 -9.77
N ILE A 164 20.55 18.21 -10.69
CA ILE A 164 21.56 17.22 -11.05
C ILE A 164 22.53 17.80 -12.07
N GLY A 165 23.77 17.31 -12.03
CA GLY A 165 24.76 17.66 -13.01
C GLY A 165 24.60 16.85 -14.28
N THR A 166 25.45 17.18 -15.27
CA THR A 166 25.34 16.52 -16.57
C THR A 166 25.71 15.05 -16.50
N TYR A 167 26.56 14.67 -15.55
CA TYR A 167 26.90 13.25 -15.40
C TYR A 167 25.68 12.45 -14.94
N GLU A 168 24.95 12.97 -13.95
CA GLU A 168 23.75 12.28 -13.51
C GLU A 168 22.65 12.33 -14.57
N ILE A 169 22.67 13.38 -15.41
CA ILE A 169 21.72 13.44 -16.52
C ILE A 169 21.90 12.24 -17.44
N SER A 170 23.16 11.91 -17.77
CA SER A 170 23.42 10.76 -18.61
C SER A 170 23.06 9.46 -17.89
N GLN A 171 23.15 9.44 -16.56
CA GLN A 171 22.73 8.25 -15.81
C GLN A 171 21.22 8.06 -15.90
N VAL A 172 20.46 9.14 -15.79
CA VAL A 172 19.00 9.05 -15.93
C VAL A 172 18.63 8.61 -17.33
N VAL A 173 19.37 9.09 -18.34
CA VAL A 173 19.15 8.65 -19.71
C VAL A 173 19.37 7.16 -19.84
N GLU A 174 20.39 6.62 -19.16
CA GLU A 174 20.61 5.19 -19.17
C GLU A 174 19.49 4.44 -18.46
N ASP A 175 18.83 5.07 -17.49
CA ASP A 175 17.69 4.43 -16.83
C ASP A 175 16.52 4.30 -17.80
N TYR A 176 16.28 5.31 -18.64
CA TYR A 176 15.27 5.19 -19.69
C TYR A 176 15.62 4.06 -20.64
N ARG A 177 16.89 3.92 -20.99
CA ARG A 177 17.31 2.90 -21.95
C ARG A 177 17.11 1.49 -21.38
N ARG A 178 17.58 1.26 -20.15
CA ARG A 178 17.41 -0.06 -19.55
C ARG A 178 15.94 -0.40 -19.33
N SER A 179 15.14 0.60 -18.96
CA SER A 179 13.71 0.35 -18.79
C SER A 179 13.02 0.03 -20.11
N ALA A 180 13.47 0.66 -21.19
CA ALA A 180 12.92 0.34 -22.51
C ALA A 180 13.26 -1.08 -22.92
N LEU A 181 14.47 -1.54 -22.61
CA LEU A 181 14.84 -2.92 -22.89
C LEU A 181 14.05 -3.89 -22.01
N ASN A 182 13.80 -3.53 -20.76
CA ASN A 182 13.02 -4.38 -19.87
C ASN A 182 11.58 -4.51 -20.35
N ALA A 183 11.02 -3.44 -20.92
CA ALA A 183 9.64 -3.52 -21.43
C ALA A 183 9.56 -4.45 -22.62
N ILE A 184 10.57 -4.43 -23.49
CA ILE A 184 10.59 -5.37 -24.61
C ILE A 184 10.78 -6.79 -24.10
N GLU A 185 11.64 -6.97 -23.10
CA GLU A 185 11.81 -8.30 -22.49
C GLU A 185 10.52 -8.78 -21.86
N ALA A 186 9.71 -7.88 -21.31
CA ALA A 186 8.41 -8.25 -20.74
C ALA A 186 7.37 -8.56 -21.81
N GLY A 187 7.63 -8.20 -23.08
CA GLY A 187 6.70 -8.47 -24.15
C GLY A 187 5.98 -7.25 -24.69
N PHE A 188 6.26 -6.06 -24.18
CA PHE A 188 5.59 -4.87 -24.67
C PHE A 188 5.92 -4.62 -26.14
N ASP A 189 4.91 -4.18 -26.89
CA ASP A 189 5.13 -3.81 -28.27
C ASP A 189 5.99 -2.56 -28.40
N GLY A 190 6.08 -1.75 -27.35
CA GLY A 190 6.89 -0.55 -27.40
C GLY A 190 6.76 0.24 -26.11
N ILE A 191 7.37 1.42 -26.10
CA ILE A 191 7.32 2.30 -24.95
C ILE A 191 6.92 3.69 -25.40
N GLU A 192 6.34 4.45 -24.46
CA GLU A 192 6.04 5.86 -24.67
C GLU A 192 6.85 6.68 -23.67
N ILE A 193 7.54 7.70 -24.16
CA ILE A 193 8.34 8.58 -23.32
C ILE A 193 7.41 9.65 -22.74
N HIS A 194 7.20 9.61 -21.42
CA HIS A 194 6.35 10.58 -20.74
C HIS A 194 7.15 11.87 -20.55
N GLY A 195 6.92 12.84 -21.44
CA GLY A 195 7.57 14.13 -21.32
C GLY A 195 6.56 15.25 -21.22
N ALA A 196 5.56 15.08 -20.36
CA ALA A 196 4.45 16.01 -20.25
C ALA A 196 4.11 16.25 -18.78
N HIS A 197 3.10 17.09 -18.56
CA HIS A 197 2.45 17.25 -17.26
C HIS A 197 3.42 17.71 -16.17
N GLY A 198 4.48 18.42 -16.55
CA GLY A 198 5.36 19.03 -15.57
C GLY A 198 6.21 18.07 -14.77
N TYR A 199 6.59 16.94 -15.35
CA TYR A 199 7.47 15.99 -14.69
C TYR A 199 8.90 16.20 -15.18
N LEU A 200 9.77 15.21 -14.95
CA LEU A 200 11.21 15.43 -15.09
C LEU A 200 11.59 16.00 -16.45
N ILE A 201 11.09 15.40 -17.52
CA ILE A 201 11.43 15.88 -18.86
C ILE A 201 10.84 17.26 -19.09
N ASP A 202 9.62 17.49 -18.63
CA ASP A 202 9.00 18.81 -18.77
C ASP A 202 9.74 19.85 -17.93
N GLN A 203 10.41 19.42 -16.85
CA GLN A 203 11.18 20.34 -16.03
C GLN A 203 12.42 20.85 -16.74
N PHE A 204 12.89 20.14 -17.76
CA PHE A 204 13.97 20.66 -18.61
C PHE A 204 13.44 21.49 -19.78
N LEU A 205 12.24 21.18 -20.27
CA LEU A 205 11.69 21.87 -21.43
C LEU A 205 11.21 23.28 -21.09
N LYS A 206 10.27 23.37 -20.13
CA LYS A 206 9.64 24.65 -19.81
C LYS A 206 10.65 25.62 -19.21
N ASP A 207 10.74 26.82 -19.80
CA ASP A 207 11.66 27.83 -19.29
C ASP A 207 11.19 28.44 -17.97
N GLY A 208 9.93 28.22 -17.59
CA GLY A 208 9.47 28.59 -16.27
C GLY A 208 10.04 27.75 -15.15
N ILE A 209 10.61 26.58 -15.47
CA ILE A 209 11.25 25.72 -14.49
C ILE A 209 12.76 25.66 -14.68
N ASN A 210 13.20 25.42 -15.91
CA ASN A 210 14.61 25.30 -16.25
C ASN A 210 15.29 26.65 -16.10
N ASP A 211 16.01 26.84 -15.00
CA ASP A 211 16.82 28.03 -14.79
C ASP A 211 18.32 27.73 -14.86
N ARG A 212 18.69 26.66 -15.55
CA ARG A 212 20.09 26.26 -15.64
C ARG A 212 20.88 27.23 -16.52
N THR A 213 22.19 27.26 -16.28
CA THR A 213 23.11 28.05 -17.10
C THR A 213 24.12 27.20 -17.84
N ASP A 214 24.02 25.88 -17.77
CA ASP A 214 24.91 24.98 -18.49
C ASP A 214 24.34 24.71 -19.89
N GLU A 215 24.80 23.64 -20.54
CA GLU A 215 24.35 23.34 -21.89
C GLU A 215 22.94 22.75 -21.93
N TYR A 216 22.27 22.60 -20.79
CA TYR A 216 20.92 22.08 -20.73
C TYR A 216 19.88 23.15 -20.42
N GLY A 217 20.29 24.41 -20.29
CA GLY A 217 19.36 25.47 -20.00
C GLY A 217 19.59 26.68 -20.89
N GLY A 218 18.58 27.54 -20.93
CA GLY A 218 18.66 28.76 -21.71
C GLY A 218 17.88 28.71 -23.01
N SER A 219 18.57 28.48 -24.11
CA SER A 219 17.95 28.49 -25.43
C SER A 219 17.04 27.27 -25.59
N LEU A 220 16.25 27.30 -26.67
CA LEU A 220 15.38 26.17 -26.99
C LEU A 220 16.19 24.90 -27.25
N ALA A 221 17.34 25.05 -27.91
CA ALA A 221 18.18 23.88 -28.19
C ALA A 221 18.70 23.26 -26.91
N ASN A 222 19.16 24.08 -25.97
CA ASN A 222 19.66 23.56 -24.71
C ASN A 222 18.54 22.95 -23.87
N ARG A 223 17.34 23.56 -23.92
CA ARG A 223 16.22 23.04 -23.14
C ARG A 223 15.58 21.81 -23.78
N CYS A 224 15.84 21.56 -25.06
CA CYS A 224 15.37 20.36 -25.73
C CYS A 224 16.39 19.23 -25.70
N LYS A 225 17.59 19.48 -25.17
CA LYS A 225 18.65 18.47 -25.25
C LYS A 225 18.31 17.23 -24.43
N PHE A 226 17.66 17.40 -23.29
CA PHE A 226 17.38 16.25 -22.42
C PHE A 226 16.40 15.28 -23.08
N ILE A 227 15.27 15.79 -23.59
CA ILE A 227 14.30 14.91 -24.23
C ILE A 227 14.88 14.31 -25.50
N THR A 228 15.76 15.06 -26.19
CA THR A 228 16.40 14.51 -27.38
C THR A 228 17.26 13.31 -27.03
N GLN A 229 18.06 13.42 -25.97
CA GLN A 229 18.94 12.32 -25.58
C GLN A 229 18.16 11.14 -25.01
N VAL A 230 17.05 11.39 -24.33
CA VAL A 230 16.21 10.30 -23.84
C VAL A 230 15.63 9.52 -25.00
N VAL A 231 15.09 10.23 -25.99
CA VAL A 231 14.50 9.57 -27.16
C VAL A 231 15.57 8.83 -27.96
N GLN A 232 16.73 9.47 -28.16
CA GLN A 232 17.80 8.84 -28.92
C GLN A 232 18.27 7.54 -28.25
N ALA A 233 18.30 7.52 -26.92
CA ALA A 233 18.75 6.33 -26.21
C ALA A 233 17.78 5.16 -26.43
N VAL A 234 16.48 5.41 -26.30
CA VAL A 234 15.52 4.32 -26.45
C VAL A 234 15.32 3.95 -27.92
N VAL A 235 15.54 4.90 -28.83
CA VAL A 235 15.50 4.57 -30.26
C VAL A 235 16.63 3.60 -30.61
N SER A 236 17.84 3.90 -30.13
CA SER A 236 18.98 3.03 -30.41
C SER A 236 18.86 1.67 -29.75
N ALA A 237 18.08 1.56 -28.67
CA ALA A 237 18.00 0.31 -27.92
C ALA A 237 16.93 -0.64 -28.47
N ILE A 238 15.75 -0.12 -28.83
CA ILE A 238 14.63 -0.96 -29.23
C ILE A 238 14.10 -0.62 -30.61
N GLY A 239 14.58 0.43 -31.25
CA GLY A 239 14.06 0.80 -32.56
C GLY A 239 13.06 1.93 -32.51
N ALA A 240 13.12 2.83 -33.50
CA ALA A 240 12.28 4.02 -33.48
C ALA A 240 10.80 3.67 -33.58
N ASP A 241 10.44 2.65 -34.37
CA ASP A 241 9.04 2.34 -34.60
C ASP A 241 8.34 1.77 -33.37
N ARG A 242 9.06 1.57 -32.28
CA ARG A 242 8.49 1.08 -31.03
C ARG A 242 8.65 2.12 -29.92
N VAL A 243 8.81 3.38 -30.29
CA VAL A 243 9.01 4.47 -29.33
C VAL A 243 8.00 5.57 -29.61
N GLY A 244 7.16 5.86 -28.63
CA GLY A 244 6.26 7.01 -28.70
C GLY A 244 6.74 8.13 -27.79
N VAL A 245 6.32 9.35 -28.08
CA VAL A 245 6.71 10.52 -27.30
C VAL A 245 5.46 11.33 -26.97
N ARG A 246 5.27 11.64 -25.70
CA ARG A 246 4.13 12.44 -25.25
C ARG A 246 4.64 13.75 -24.65
N VAL A 247 4.03 14.86 -25.07
CA VAL A 247 4.37 16.19 -24.58
C VAL A 247 3.10 16.98 -24.36
N SER A 248 3.21 18.06 -23.58
CA SER A 248 2.09 18.96 -23.31
C SER A 248 2.64 20.37 -23.11
N PRO A 249 2.97 21.06 -24.21
CA PRO A 249 3.62 22.38 -24.07
C PRO A 249 2.75 23.45 -23.43
N ALA A 250 1.42 23.32 -23.49
CA ALA A 250 0.52 24.38 -23.02
C ALA A 250 -0.30 23.94 -21.81
N ILE A 251 0.25 23.09 -20.96
CA ILE A 251 -0.39 22.68 -19.70
C ILE A 251 0.51 23.12 -18.57
N ASP A 252 0.01 24.03 -17.73
CA ASP A 252 0.76 24.61 -16.63
C ASP A 252 0.69 23.77 -15.35
N HIS A 253 0.40 22.47 -15.47
CA HIS A 253 0.31 21.61 -14.30
C HIS A 253 1.64 21.56 -13.56
N LEU A 254 1.60 21.75 -12.25
CA LEU A 254 2.78 21.72 -11.39
C LEU A 254 3.82 22.76 -11.81
N ASP A 255 3.35 23.99 -12.01
CA ASP A 255 4.21 25.13 -12.36
C ASP A 255 5.00 24.90 -13.65
N ALA A 256 4.42 24.16 -14.59
CA ALA A 256 5.10 23.88 -15.87
C ALA A 256 4.65 24.89 -16.92
N MET A 257 5.13 26.12 -16.74
CA MET A 257 4.82 27.23 -17.63
C MET A 257 5.97 27.49 -18.59
N ASP A 258 5.63 27.80 -19.84
CA ASP A 258 6.60 28.27 -20.81
C ASP A 258 6.12 29.57 -21.41
N SER A 259 7.06 30.50 -21.62
CA SER A 259 6.69 31.82 -22.14
C SER A 259 6.15 31.76 -23.56
N ASN A 260 6.49 30.72 -24.32
CA ASN A 260 6.02 30.57 -25.69
C ASN A 260 5.77 29.09 -25.96
N PRO A 261 4.64 28.57 -25.50
CA PRO A 261 4.38 27.12 -25.66
C PRO A 261 4.35 26.67 -27.10
N LEU A 262 3.87 27.51 -28.01
CA LEU A 262 3.83 27.14 -29.42
C LEU A 262 5.25 26.97 -29.97
N SER A 263 6.15 27.89 -29.65
CA SER A 263 7.54 27.76 -30.10
C SER A 263 8.20 26.54 -29.49
N LEU A 264 7.92 26.24 -28.21
CA LEU A 264 8.54 25.09 -27.57
C LEU A 264 8.07 23.78 -28.22
N GLY A 265 6.77 23.66 -28.47
CA GLY A 265 6.27 22.46 -29.14
C GLY A 265 6.86 22.26 -30.52
N LEU A 266 6.99 23.35 -31.29
CA LEU A 266 7.61 23.24 -32.60
C LEU A 266 9.08 22.87 -32.49
N ALA A 267 9.76 23.38 -31.46
CA ALA A 267 11.16 23.03 -31.24
C ALA A 267 11.32 21.54 -30.97
N VAL A 268 10.46 20.98 -30.12
CA VAL A 268 10.52 19.55 -29.83
C VAL A 268 10.24 18.73 -31.08
N VAL A 269 9.25 19.16 -31.88
CA VAL A 269 8.92 18.44 -33.11
C VAL A 269 10.10 18.45 -34.06
N GLU A 270 10.81 19.58 -34.14
CA GLU A 270 11.99 19.67 -35.00
C GLU A 270 13.04 18.64 -34.60
N ARG A 271 13.28 18.45 -33.31
CA ARG A 271 14.25 17.45 -32.87
C ARG A 271 13.76 16.03 -33.15
N LEU A 272 12.44 15.81 -33.08
CA LEU A 272 11.91 14.48 -33.38
C LEU A 272 12.05 14.16 -34.87
N ASN A 273 11.79 15.13 -35.74
CA ASN A 273 11.98 14.92 -37.17
C ASN A 273 13.44 14.63 -37.49
N LYS A 274 14.36 15.31 -36.80
CA LYS A 274 15.78 15.11 -37.07
C LYS A 274 16.26 13.74 -36.59
N ILE A 275 15.70 13.25 -35.48
CA ILE A 275 16.05 11.91 -35.02
C ILE A 275 15.58 10.86 -36.01
N GLN A 276 14.41 11.08 -36.60
CA GLN A 276 13.88 10.12 -37.57
C GLN A 276 14.71 10.09 -38.85
N LEU A 277 15.25 11.23 -39.27
CA LEU A 277 16.09 11.24 -40.47
C LEU A 277 17.46 10.64 -40.20
N HIS A 278 18.00 10.84 -39.00
CA HIS A 278 19.30 10.27 -38.68
C HIS A 278 19.22 8.76 -38.57
N SER A 279 18.20 8.25 -37.87
CA SER A 279 18.02 6.81 -37.73
C SER A 279 17.42 6.16 -38.97
N GLY A 280 16.93 6.95 -39.91
CA GLY A 280 16.33 6.39 -41.12
C GLY A 280 15.03 5.65 -40.88
N SER A 281 14.37 5.87 -39.75
CA SER A 281 13.12 5.21 -39.44
C SER A 281 12.21 6.16 -38.69
N LYS A 282 10.91 5.93 -38.81
CA LYS A 282 9.91 6.79 -38.19
C LYS A 282 9.63 6.33 -36.76
N LEU A 283 9.40 7.31 -35.88
CA LEU A 283 8.93 7.00 -34.54
C LEU A 283 7.53 6.38 -34.61
N ALA A 284 7.12 5.75 -33.52
CA ALA A 284 5.78 5.18 -33.46
C ALA A 284 4.72 6.26 -33.62
N TYR A 285 4.81 7.32 -32.83
CA TYR A 285 3.83 8.40 -32.89
C TYR A 285 4.34 9.57 -32.07
N LEU A 286 3.70 10.72 -32.27
CA LEU A 286 3.82 11.87 -31.38
C LEU A 286 2.49 12.05 -30.67
N HIS A 287 2.52 12.07 -29.35
CA HIS A 287 1.31 12.17 -28.53
C HIS A 287 1.31 13.54 -27.88
N VAL A 288 0.26 14.33 -28.14
CA VAL A 288 0.16 15.67 -27.61
C VAL A 288 -1.17 15.78 -26.86
N THR A 289 -1.09 16.09 -25.58
CA THR A 289 -2.26 16.32 -24.76
C THR A 289 -2.36 17.80 -24.41
N ALA A 290 -3.59 18.27 -24.25
CA ALA A 290 -3.85 19.69 -23.99
C ALA A 290 -4.95 19.81 -22.94
N GLU A 291 -5.26 21.05 -22.58
CA GLU A 291 -6.32 21.31 -21.63
C GLU A 291 -7.66 20.81 -22.15
N ALA A 292 -8.37 20.06 -21.32
CA ALA A 292 -9.63 19.44 -21.73
C ALA A 292 -10.76 20.45 -21.93
N ASP A 293 -10.55 21.71 -21.58
CA ASP A 293 -11.56 22.75 -21.73
C ASP A 293 -11.37 23.54 -23.02
N TRP A 294 -11.15 22.84 -24.13
CA TRP A 294 -10.98 23.50 -25.42
C TRP A 294 -12.26 23.44 -26.24
N GLU A 305 -7.73 31.58 -35.50
CA GLU A 305 -6.46 30.93 -35.18
C GLU A 305 -6.65 29.43 -34.99
N ALA A 306 -5.67 28.65 -35.44
CA ALA A 306 -5.72 27.20 -35.31
C ALA A 306 -5.15 26.78 -33.96
N ARG A 307 -5.64 25.63 -33.48
CA ARG A 307 -5.18 25.10 -32.20
C ARG A 307 -3.71 24.72 -32.27
N LEU A 308 -3.06 24.72 -31.10
CA LEU A 308 -1.70 24.21 -31.02
C LEU A 308 -1.61 22.75 -31.42
N MET A 309 -2.69 21.99 -31.20
CA MET A 309 -2.70 20.58 -31.57
C MET A 309 -2.49 20.39 -33.06
N ARG A 310 -3.19 21.19 -33.88
CA ARG A 310 -3.06 21.04 -35.33
C ARG A 310 -1.71 21.54 -35.83
N THR A 311 -1.19 22.62 -35.22
CA THR A 311 0.09 23.16 -35.65
C THR A 311 1.22 22.15 -35.41
N LEU A 312 1.22 21.50 -34.25
CA LEU A 312 2.23 20.48 -34.00
C LEU A 312 2.03 19.27 -34.91
N ARG A 313 0.77 18.93 -35.21
CA ARG A 313 0.49 17.84 -36.13
C ARG A 313 1.03 18.13 -37.52
N ASN A 314 0.83 19.36 -37.99
CA ASN A 314 1.31 19.72 -39.33
C ASN A 314 2.83 19.68 -39.42
N ALA A 315 3.51 19.98 -38.31
CA ALA A 315 4.97 20.06 -38.32
C ALA A 315 5.63 18.69 -38.17
N TYR A 316 4.95 17.73 -37.54
CA TYR A 316 5.54 16.43 -37.29
C TYR A 316 5.33 15.49 -38.48
N GLN A 317 6.40 14.77 -38.84
CA GLN A 317 6.38 13.82 -39.94
C GLN A 317 6.17 12.43 -39.35
N GLY A 318 4.91 12.04 -39.23
CA GLY A 318 4.58 10.71 -38.74
C GLY A 318 3.21 10.71 -38.08
N THR A 319 2.98 9.65 -37.31
CA THR A 319 1.69 9.44 -36.67
C THR A 319 1.48 10.43 -35.52
N PHE A 320 0.28 10.95 -35.41
CA PHE A 320 -0.07 11.94 -34.39
C PHE A 320 -1.26 11.45 -33.59
N ILE A 321 -1.18 11.57 -32.26
CA ILE A 321 -2.26 11.19 -31.37
C ILE A 321 -2.69 12.43 -30.60
N CYS A 322 -3.95 12.82 -30.78
CA CYS A 322 -4.51 13.96 -30.05
C CYS A 322 -5.15 13.48 -28.75
N SER A 323 -5.03 14.32 -27.73
CA SER A 323 -5.48 13.95 -26.39
C SER A 323 -5.96 15.19 -25.65
N GLY A 324 -7.02 15.03 -24.86
CA GLY A 324 -7.50 16.09 -24.01
C GLY A 324 -8.94 16.49 -24.25
N GLY A 325 -9.86 15.97 -23.43
CA GLY A 325 -11.25 16.36 -23.52
C GLY A 325 -11.95 15.96 -24.80
N TYR A 326 -11.54 14.85 -25.41
CA TYR A 326 -12.16 14.38 -26.64
C TYR A 326 -13.37 13.50 -26.31
N THR A 327 -14.42 13.65 -27.12
CA THR A 327 -15.63 12.86 -27.02
C THR A 327 -15.78 12.01 -28.28
N ARG A 328 -16.93 11.36 -28.40
CA ARG A 328 -17.21 10.58 -29.61
C ARG A 328 -17.29 11.49 -30.83
N GLU A 329 -18.02 12.61 -30.70
CA GLU A 329 -18.16 13.52 -31.83
C GLU A 329 -16.85 14.24 -32.12
N LEU A 330 -16.15 14.69 -31.08
CA LEU A 330 -14.88 15.38 -31.30
C LEU A 330 -13.81 14.44 -31.83
N GLY A 331 -13.83 13.18 -31.39
CA GLY A 331 -12.88 12.21 -31.91
C GLY A 331 -13.14 11.86 -33.36
N ILE A 332 -14.42 11.75 -33.74
CA ILE A 332 -14.76 11.50 -35.13
C ILE A 332 -14.34 12.67 -36.00
N GLU A 333 -14.59 13.90 -35.51
CA GLU A 333 -14.26 15.09 -36.30
C GLU A 333 -12.76 15.28 -36.43
N ALA A 334 -11.98 14.85 -35.44
CA ALA A 334 -10.53 15.03 -35.50
C ALA A 334 -9.90 14.16 -36.58
N VAL A 335 -10.37 12.91 -36.72
CA VAL A 335 -9.81 12.03 -37.74
C VAL A 335 -10.34 12.42 -39.11
N ALA A 336 -11.60 12.84 -39.19
CA ALA A 336 -12.18 13.22 -40.47
C ALA A 336 -11.54 14.47 -41.04
N GLN A 337 -11.26 15.46 -40.19
CA GLN A 337 -10.64 16.70 -40.64
C GLN A 337 -9.13 16.60 -40.78
N GLY A 338 -8.53 15.44 -40.48
CA GLY A 338 -7.11 15.28 -40.58
C GLY A 338 -6.30 15.83 -39.43
N ASP A 339 -6.95 16.16 -38.32
CA ASP A 339 -6.23 16.72 -37.17
C ASP A 339 -5.40 15.68 -36.43
N ALA A 340 -5.70 14.40 -36.61
CA ALA A 340 -4.98 13.34 -35.90
C ALA A 340 -5.22 12.02 -36.60
N ASP A 341 -4.29 11.10 -36.40
CA ASP A 341 -4.44 9.72 -36.87
C ASP A 341 -5.08 8.83 -35.82
N LEU A 342 -4.74 9.06 -34.55
CA LEU A 342 -5.30 8.31 -33.43
C LEU A 342 -5.80 9.28 -32.38
N VAL A 343 -6.82 8.86 -31.63
CA VAL A 343 -7.41 9.67 -30.57
C VAL A 343 -7.38 8.87 -29.29
N SER A 344 -6.75 9.41 -28.25
CA SER A 344 -6.67 8.75 -26.95
C SER A 344 -7.71 9.33 -26.00
N TYR A 345 -8.34 8.45 -25.23
CA TYR A 345 -9.35 8.83 -24.25
C TYR A 345 -8.87 8.44 -22.86
N GLY A 346 -9.09 9.33 -21.90
CA GLY A 346 -8.60 9.18 -20.55
C GLY A 346 -9.73 8.80 -19.62
N ARG A 347 -10.37 9.80 -19.01
CA ARG A 347 -11.32 9.53 -17.92
C ARG A 347 -12.52 8.71 -18.39
N LEU A 348 -12.92 8.85 -19.66
CA LEU A 348 -14.04 8.04 -20.15
C LEU A 348 -13.68 6.57 -20.23
N PHE A 349 -12.39 6.26 -20.43
CA PHE A 349 -11.96 4.86 -20.48
C PHE A 349 -11.87 4.23 -19.09
N ILE A 350 -11.79 5.05 -18.03
CA ILE A 350 -11.82 4.51 -16.68
C ILE A 350 -13.17 3.86 -16.40
N SER A 351 -14.26 4.57 -16.71
CA SER A 351 -15.60 4.14 -16.37
C SER A 351 -16.28 3.32 -17.46
N ASN A 352 -15.67 3.22 -18.64
CA ASN A 352 -16.22 2.46 -19.76
C ASN A 352 -15.17 1.48 -20.24
N PRO A 353 -15.15 0.26 -19.70
CA PRO A 353 -14.18 -0.74 -20.18
C PRO A 353 -14.33 -1.04 -21.66
N ASP A 354 -15.58 -1.09 -22.14
CA ASP A 354 -15.85 -1.28 -23.57
C ASP A 354 -16.10 0.05 -24.26
N LEU A 355 -15.22 1.02 -24.00
CA LEU A 355 -15.40 2.36 -24.57
C LEU A 355 -15.34 2.32 -26.09
N VAL A 356 -14.46 1.49 -26.65
CA VAL A 356 -14.35 1.37 -28.10
C VAL A 356 -15.69 0.93 -28.69
N MET A 357 -16.33 -0.06 -28.05
CA MET A 357 -17.61 -0.56 -28.56
C MET A 357 -18.71 0.47 -28.40
N ARG A 358 -18.72 1.20 -27.28
CA ARG A 358 -19.75 2.22 -27.08
C ARG A 358 -19.62 3.36 -28.07
N ILE A 359 -18.39 3.71 -28.47
CA ILE A 359 -18.20 4.73 -29.49
C ILE A 359 -18.73 4.26 -30.83
N LYS A 360 -18.55 2.97 -31.14
CA LYS A 360 -19.03 2.44 -32.41
C LYS A 360 -20.55 2.47 -32.49
N LEU A 361 -21.22 2.02 -31.43
CA LEU A 361 -22.67 1.96 -31.40
C LEU A 361 -23.31 3.29 -31.02
N ASN A 362 -22.51 4.30 -30.67
CA ASN A 362 -23.02 5.55 -30.12
C ASN A 362 -23.88 5.28 -28.89
N ALA A 363 -23.42 4.35 -28.05
CA ALA A 363 -24.12 3.99 -26.84
C ALA A 363 -23.77 4.95 -25.71
N PRO A 364 -24.69 5.17 -24.77
CA PRO A 364 -24.40 6.11 -23.67
C PRO A 364 -23.27 5.60 -22.79
N LEU A 365 -22.53 6.56 -22.21
CA LEU A 365 -21.33 6.26 -21.44
C LEU A 365 -21.61 6.34 -19.94
N ASN A 366 -20.76 5.65 -19.18
CA ASN A 366 -20.85 5.66 -17.73
C ASN A 366 -20.07 6.84 -17.16
N LYS A 367 -20.54 7.34 -16.02
CA LYS A 367 -19.81 8.36 -15.28
C LYS A 367 -18.64 7.74 -14.53
N TYR A 368 -17.58 8.52 -14.36
CA TYR A 368 -16.41 8.09 -13.61
C TYR A 368 -16.40 8.74 -12.24
N ASN A 369 -15.78 8.04 -11.28
CA ASN A 369 -15.73 8.47 -9.89
C ASN A 369 -14.31 8.89 -9.56
N ARG A 370 -14.10 10.20 -9.43
CA ARG A 370 -12.77 10.73 -9.14
C ARG A 370 -12.23 10.21 -7.80
N LYS A 371 -13.13 9.92 -6.85
CA LYS A 371 -12.69 9.50 -5.52
C LYS A 371 -11.83 8.24 -5.56
N THR A 372 -12.04 7.38 -6.56
CA THR A 372 -11.30 6.13 -6.67
C THR A 372 -10.30 6.13 -7.83
N PHE A 373 -9.85 7.31 -8.25
CA PHE A 373 -8.82 7.36 -9.30
C PHE A 373 -7.50 6.78 -8.80
N TYR A 374 -7.09 7.15 -7.59
CA TYR A 374 -5.78 6.77 -7.07
C TYR A 374 -5.87 5.92 -5.81
N THR A 375 -6.99 5.25 -5.57
CA THR A 375 -7.11 4.34 -4.45
C THR A 375 -6.46 3.00 -4.78
N GLN A 376 -6.38 2.12 -3.78
CA GLN A 376 -5.60 0.89 -3.91
C GLN A 376 -6.45 -0.36 -4.08
N ASP A 377 -7.77 -0.27 -3.98
CA ASP A 377 -8.60 -1.45 -4.05
C ASP A 377 -8.50 -2.08 -5.45
N PRO A 378 -8.25 -3.40 -5.55
CA PRO A 378 -8.10 -4.01 -6.87
C PRO A 378 -9.39 -4.14 -7.65
N VAL A 379 -10.54 -3.82 -7.05
CA VAL A 379 -11.82 -3.96 -7.74
C VAL A 379 -12.59 -2.64 -7.69
N VAL A 380 -12.77 -2.09 -6.49
CA VAL A 380 -13.61 -0.91 -6.31
C VAL A 380 -13.04 0.25 -7.11
N GLY A 381 -13.86 0.78 -8.02
CA GLY A 381 -13.43 1.89 -8.85
C GLY A 381 -12.33 1.57 -9.83
N TYR A 382 -12.09 0.29 -10.11
CA TYR A 382 -10.99 -0.12 -10.98
C TYR A 382 -11.50 -1.05 -12.07
N THR A 383 -12.09 -2.18 -11.69
CA THR A 383 -12.59 -3.16 -12.64
C THR A 383 -14.09 -3.43 -12.47
N ASP A 384 -14.78 -2.71 -11.59
CA ASP A 384 -16.20 -2.95 -11.37
C ASP A 384 -17.09 -1.97 -12.12
N TYR A 385 -16.54 -1.19 -13.04
CA TYR A 385 -17.38 -0.40 -13.93
C TYR A 385 -18.05 -1.34 -14.93
N PRO A 386 -19.37 -1.28 -15.07
CA PRO A 386 -20.09 -2.31 -15.83
C PRO A 386 -19.88 -2.17 -17.34
N PHE A 387 -19.97 -3.31 -18.02
CA PHE A 387 -19.95 -3.34 -19.47
C PHE A 387 -21.32 -2.97 -20.03
N LEU A 388 -21.45 -3.05 -21.34
CA LEU A 388 -22.69 -2.71 -22.01
C LEU A 388 -23.64 -3.91 -22.03
N ASN B 19 20.21 7.71 21.16
CA ASN B 19 19.33 6.55 21.01
C ASN B 19 17.88 7.01 20.82
N PRO B 20 17.38 6.89 19.59
CA PRO B 20 16.00 7.33 19.33
C PRO B 20 14.94 6.47 20.02
N LEU B 21 15.29 5.26 20.48
CA LEU B 21 14.33 4.45 21.20
C LEU B 21 13.93 5.05 22.54
N PHE B 22 14.70 6.02 23.04
CA PHE B 22 14.43 6.62 24.34
C PHE B 22 14.14 8.11 24.22
N SER B 23 13.61 8.52 23.07
CA SER B 23 13.00 9.85 23.00
C SER B 23 11.53 9.74 23.33
N PRO B 24 10.95 10.74 24.01
CA PRO B 24 9.55 10.62 24.41
C PRO B 24 8.62 10.58 23.22
N TYR B 25 7.46 9.96 23.42
CA TYR B 25 6.44 9.86 22.39
C TYR B 25 5.06 9.97 23.03
N LYS B 26 4.16 10.67 22.36
CA LYS B 26 2.81 10.91 22.89
C LYS B 26 1.84 9.99 22.14
N MET B 27 1.42 8.92 22.82
CA MET B 27 0.43 8.00 22.26
C MET B 27 -0.97 8.50 22.63
N GLY B 28 -1.35 9.60 22.00
CA GLY B 28 -2.58 10.28 22.33
C GLY B 28 -2.50 11.01 23.64
N LYS B 29 -3.17 10.50 24.66
CA LYS B 29 -3.14 11.10 25.99
C LYS B 29 -2.15 10.41 26.93
N PHE B 30 -1.44 9.39 26.45
CA PHE B 30 -0.44 8.68 27.25
C PHE B 30 0.94 9.14 26.80
N ASN B 31 1.66 9.81 27.69
CA ASN B 31 3.00 10.28 27.41
C ASN B 31 3.99 9.17 27.74
N LEU B 32 4.65 8.63 26.72
CA LEU B 32 5.61 7.55 26.92
C LEU B 32 7.01 8.12 26.99
N SER B 33 7.80 7.58 27.92
CA SER B 33 9.18 8.05 28.07
C SER B 33 10.14 7.36 27.12
N HIS B 34 9.73 6.24 26.53
CA HIS B 34 10.57 5.50 25.59
C HIS B 34 9.66 4.69 24.69
N ARG B 35 10.25 4.04 23.68
CA ARG B 35 9.47 3.37 22.64
C ARG B 35 9.62 1.85 22.69
N VAL B 36 10.20 1.30 23.76
CA VAL B 36 10.26 -0.14 23.94
C VAL B 36 8.94 -0.61 24.54
N VAL B 37 8.26 -1.51 23.84
CA VAL B 37 6.93 -1.97 24.22
C VAL B 37 7.00 -3.46 24.53
N LEU B 38 6.27 -3.88 25.56
CA LEU B 38 6.12 -5.30 25.87
C LEU B 38 5.05 -5.89 24.96
N ALA B 39 5.45 -6.80 24.09
CA ALA B 39 4.49 -7.44 23.19
C ALA B 39 3.57 -8.37 23.97
N PRO B 40 2.33 -8.53 23.51
CA PRO B 40 1.41 -9.47 24.17
C PRO B 40 1.93 -10.89 24.05
N MET B 41 1.95 -11.60 25.19
CA MET B 41 2.50 -12.95 25.19
C MET B 41 1.74 -13.83 26.16
N THR B 42 1.07 -14.84 25.62
CA THR B 42 0.41 -15.86 26.44
C THR B 42 1.45 -16.67 27.21
N ARG B 43 1.26 -16.76 28.53
CA ARG B 43 2.16 -17.53 29.38
C ARG B 43 1.48 -18.63 30.15
N CYS B 44 0.15 -18.63 30.22
CA CYS B 44 -0.63 -19.74 30.79
C CYS B 44 -0.38 -19.89 32.29
N ARG B 45 -0.22 -18.77 33.00
CA ARG B 45 -0.09 -18.79 34.45
C ARG B 45 -1.35 -18.34 35.17
N ALA B 46 -2.35 -17.82 34.45
CA ALA B 46 -3.61 -17.40 35.05
C ALA B 46 -4.48 -18.63 35.26
N LEU B 47 -4.23 -19.32 36.37
CA LEU B 47 -4.86 -20.61 36.63
C LEU B 47 -6.38 -20.49 36.69
N ASN B 48 -7.06 -21.39 35.99
CA ASN B 48 -8.52 -21.40 35.88
C ASN B 48 -9.06 -20.08 35.34
N ASN B 49 -8.34 -19.50 34.39
CA ASN B 49 -8.70 -18.25 33.73
C ASN B 49 -8.80 -17.08 34.69
N ILE B 50 -8.24 -17.20 35.88
CA ILE B 50 -8.27 -16.14 36.89
C ILE B 50 -6.87 -15.54 36.99
N PRO B 51 -6.71 -14.23 36.79
CA PRO B 51 -5.38 -13.62 36.92
C PRO B 51 -4.81 -13.84 38.31
N GLN B 52 -3.64 -14.47 38.36
CA GLN B 52 -2.99 -14.82 39.61
C GLN B 52 -2.03 -13.71 40.04
N ALA B 53 -1.55 -13.81 41.28
CA ALA B 53 -0.58 -12.85 41.79
C ALA B 53 0.74 -12.94 41.04
N ALA B 54 1.04 -14.10 40.47
CA ALA B 54 2.26 -14.25 39.67
C ALA B 54 2.28 -13.32 38.48
N LEU B 55 1.11 -13.08 37.87
CA LEU B 55 1.04 -12.11 36.78
C LEU B 55 1.41 -10.71 37.26
N GLY B 56 0.95 -10.35 38.45
CA GLY B 56 1.27 -9.02 38.98
C GLY B 56 2.77 -8.81 39.13
N GLU B 57 3.47 -9.79 39.69
CA GLU B 57 4.92 -9.69 39.81
C GLU B 57 5.60 -9.77 38.45
N TYR B 58 5.05 -10.56 37.54
CA TYR B 58 5.63 -10.70 36.20
C TYR B 58 5.60 -9.37 35.45
N TYR B 59 4.45 -8.71 35.42
CA TYR B 59 4.35 -7.43 34.75
C TYR B 59 5.05 -6.32 35.53
N GLU B 60 5.19 -6.48 36.85
CA GLU B 60 5.90 -5.49 37.65
C GLU B 60 7.39 -5.50 37.33
N GLN B 61 7.96 -6.69 37.13
CA GLN B 61 9.38 -6.78 36.79
C GLN B 61 9.70 -6.05 35.49
N ARG B 62 8.76 -6.04 34.55
CA ARG B 62 8.99 -5.46 33.23
C ARG B 62 8.42 -4.05 33.09
N ALA B 63 7.65 -3.58 34.05
CA ALA B 63 7.11 -2.23 33.99
C ALA B 63 8.20 -1.20 34.23
N THR B 64 8.13 -0.08 33.50
CA THR B 64 9.06 1.02 33.67
C THR B 64 8.27 2.32 33.67
N ALA B 65 8.91 3.37 34.21
CA ALA B 65 8.27 4.69 34.28
C ALA B 65 8.08 5.24 32.87
N GLY B 66 6.83 5.38 32.44
CA GLY B 66 6.54 5.83 31.10
C GLY B 66 6.64 4.76 30.04
N GLY B 67 6.72 3.49 30.42
CA GLY B 67 6.78 2.41 29.45
C GLY B 67 5.42 1.82 29.17
N PHE B 68 5.24 1.38 27.93
CA PHE B 68 3.97 0.81 27.47
C PHE B 68 4.04 -0.71 27.54
N LEU B 69 3.04 -1.31 28.17
CA LEU B 69 2.94 -2.76 28.31
C LEU B 69 1.64 -3.25 27.70
N ILE B 70 1.70 -4.42 27.07
CA ILE B 70 0.51 -5.09 26.52
C ILE B 70 0.44 -6.48 27.13
N THR B 71 -0.72 -6.79 27.72
CA THR B 71 -0.87 -8.06 28.42
C THR B 71 -0.99 -9.21 27.44
N GLU B 72 -0.90 -10.42 27.99
CA GLU B 72 -1.25 -11.65 27.30
C GLU B 72 -2.67 -11.57 26.76
N GLY B 73 -2.97 -12.35 25.72
CA GLY B 73 -4.32 -12.44 25.21
C GLY B 73 -5.31 -12.85 26.30
N THR B 74 -6.42 -12.14 26.38
CA THR B 74 -7.37 -12.31 27.46
C THR B 74 -8.75 -12.69 26.91
N MET B 75 -9.39 -13.67 27.55
CA MET B 75 -10.67 -14.17 27.09
C MET B 75 -11.74 -13.09 27.16
N ILE B 76 -12.62 -13.06 26.15
CA ILE B 76 -13.76 -12.16 26.14
C ILE B 76 -15.07 -12.88 26.42
N SER B 77 -15.06 -14.20 26.53
CA SER B 77 -16.26 -15.00 26.71
C SER B 77 -15.83 -16.42 27.09
N PRO B 78 -16.76 -17.23 27.61
CA PRO B 78 -16.40 -18.61 27.97
C PRO B 78 -15.95 -19.47 26.80
N THR B 79 -16.16 -19.03 25.56
CA THR B 79 -15.86 -19.83 24.37
C THR B 79 -14.66 -19.30 23.59
N SER B 80 -13.91 -18.36 24.14
CA SER B 80 -12.84 -17.70 23.40
C SER B 80 -11.45 -18.27 23.68
N ALA B 81 -11.35 -19.31 24.52
CA ALA B 81 -10.05 -19.84 24.92
C ALA B 81 -9.61 -20.97 24.00
N GLY B 82 -8.30 -21.03 23.76
CA GLY B 82 -7.70 -22.10 22.99
C GLY B 82 -6.40 -22.56 23.60
N PHE B 83 -6.06 -21.99 24.75
CA PHE B 83 -4.86 -22.30 25.52
C PHE B 83 -5.26 -22.56 26.97
N PRO B 84 -4.45 -23.29 27.72
CA PRO B 84 -4.78 -23.57 29.12
C PRO B 84 -4.43 -22.39 30.02
N HIS B 85 -5.32 -22.12 30.97
CA HIS B 85 -5.07 -21.16 32.06
C HIS B 85 -4.68 -19.79 31.52
N VAL B 86 -5.44 -19.31 30.54
CA VAL B 86 -5.27 -17.96 30.01
C VAL B 86 -6.24 -17.05 30.75
N PRO B 87 -5.84 -15.80 31.05
CA PRO B 87 -6.70 -14.91 31.81
C PRO B 87 -7.96 -14.49 31.09
N GLY B 88 -9.02 -14.28 31.87
CA GLY B 88 -10.28 -13.76 31.32
C GLY B 88 -10.56 -12.37 31.85
N ILE B 89 -11.49 -11.66 31.22
CA ILE B 89 -11.91 -10.30 31.70
C ILE B 89 -13.43 -10.19 31.43
N PHE B 90 -14.14 -11.32 31.47
CA PHE B 90 -15.59 -11.33 31.19
C PHE B 90 -16.38 -11.60 32.49
N THR B 91 -15.69 -11.91 33.58
CA THR B 91 -16.36 -12.14 34.88
C THR B 91 -15.93 -11.07 35.87
N LYS B 92 -16.73 -10.88 36.91
CA LYS B 92 -16.44 -9.86 37.94
C LYS B 92 -15.26 -10.31 38.82
N GLU B 93 -15.12 -11.61 39.04
CA GLU B 93 -13.96 -12.11 39.81
C GLU B 93 -12.68 -11.84 38.99
N GLN B 94 -12.74 -12.04 37.68
CA GLN B 94 -11.56 -11.74 36.88
C GLN B 94 -11.24 -10.25 36.90
N VAL B 95 -12.26 -9.40 36.93
CA VAL B 95 -12.03 -7.96 37.01
C VAL B 95 -11.34 -7.60 38.32
N ARG B 96 -11.80 -8.18 39.43
CA ARG B 96 -11.24 -7.84 40.74
C ARG B 96 -9.76 -8.21 40.80
N GLU B 97 -9.39 -9.36 40.23
CA GLU B 97 -7.99 -9.78 40.26
C GLU B 97 -7.13 -8.97 39.30
N TRP B 98 -7.68 -8.59 38.15
CA TRP B 98 -6.93 -7.72 37.23
C TRP B 98 -6.59 -6.40 37.89
N LYS B 99 -7.48 -5.88 38.74
CA LYS B 99 -7.28 -4.58 39.35
C LYS B 99 -6.03 -4.55 40.21
N LYS B 100 -5.78 -5.61 40.98
CA LYS B 100 -4.57 -5.69 41.78
C LYS B 100 -3.32 -5.72 40.91
N ILE B 101 -3.42 -6.34 39.73
CA ILE B 101 -2.28 -6.39 38.82
C ILE B 101 -2.04 -5.03 38.18
N VAL B 102 -3.11 -4.34 37.77
CA VAL B 102 -2.96 -3.04 37.14
C VAL B 102 -2.47 -2.01 38.14
N ASP B 103 -2.93 -2.10 39.39
CA ASP B 103 -2.49 -1.16 40.42
C ASP B 103 -1.00 -1.26 40.66
N VAL B 104 -0.46 -2.49 40.66
CA VAL B 104 0.98 -2.68 40.84
C VAL B 104 1.74 -2.14 39.63
N VAL B 105 1.21 -2.35 38.43
CA VAL B 105 1.87 -1.85 37.23
C VAL B 105 1.84 -0.33 37.19
N HIS B 106 0.68 0.27 37.50
CA HIS B 106 0.58 1.72 37.53
C HIS B 106 1.45 2.34 38.61
N ALA B 107 1.71 1.60 39.69
CA ALA B 107 2.57 2.11 40.76
C ALA B 107 4.01 2.29 40.30
N LYS B 108 4.43 1.60 39.26
CA LYS B 108 5.75 1.80 38.69
C LYS B 108 5.77 2.82 37.56
N GLY B 109 4.63 3.47 37.27
CA GLY B 109 4.60 4.50 36.26
C GLY B 109 4.50 4.02 34.83
N ALA B 110 3.91 2.86 34.61
CA ALA B 110 3.79 2.29 33.28
C ALA B 110 2.36 2.38 32.77
N VAL B 111 2.22 2.33 31.45
CA VAL B 111 0.92 2.25 30.78
C VAL B 111 0.72 0.82 30.31
N ILE B 112 -0.49 0.29 30.54
CA ILE B 112 -0.76 -1.12 30.26
C ILE B 112 -2.11 -1.25 29.56
N PHE B 113 -2.13 -1.99 28.46
CA PHE B 113 -3.34 -2.33 27.73
C PHE B 113 -3.62 -3.82 27.83
N CYS B 114 -4.89 -4.18 27.85
CA CYS B 114 -5.32 -5.57 27.90
C CYS B 114 -5.72 -6.03 26.51
N GLN B 115 -5.08 -7.08 26.01
CA GLN B 115 -5.39 -7.59 24.68
C GLN B 115 -6.60 -8.51 24.76
N LEU B 116 -7.65 -8.17 24.00
CA LEU B 116 -8.86 -8.98 23.94
C LEU B 116 -8.69 -10.03 22.85
N TRP B 117 -8.78 -11.30 23.23
CA TRP B 117 -8.34 -12.40 22.38
C TRP B 117 -9.42 -13.48 22.30
N HIS B 118 -9.92 -13.72 21.09
CA HIS B 118 -10.82 -14.83 20.81
C HIS B 118 -10.14 -15.74 19.81
N VAL B 119 -10.02 -17.03 20.14
CA VAL B 119 -9.24 -17.95 19.33
C VAL B 119 -10.00 -18.46 18.12
N GLY B 120 -11.33 -18.37 18.13
CA GLY B 120 -12.09 -18.91 17.01
C GLY B 120 -11.94 -20.41 16.92
N ARG B 121 -11.61 -20.89 15.72
CA ARG B 121 -11.47 -22.32 15.50
C ARG B 121 -10.20 -22.91 16.10
N ALA B 122 -9.31 -22.07 16.62
CA ALA B 122 -8.08 -22.55 17.23
C ALA B 122 -8.33 -22.98 18.68
N SER B 123 -9.32 -23.84 18.89
CA SER B 123 -9.63 -24.32 20.23
C SER B 123 -9.80 -25.83 20.26
N HIS B 124 -10.37 -26.35 21.33
CA HIS B 124 -10.57 -27.78 21.50
C HIS B 124 -11.75 -27.99 22.44
N GLU B 125 -12.35 -29.18 22.36
CA GLU B 125 -13.49 -29.50 23.22
C GLU B 125 -13.14 -29.35 24.70
N VAL B 126 -11.89 -29.64 25.08
CA VAL B 126 -11.48 -29.51 26.46
C VAL B 126 -11.46 -28.06 26.91
N TYR B 127 -11.37 -27.11 25.97
CA TYR B 127 -11.36 -25.69 26.27
C TYR B 127 -12.72 -25.04 26.14
N GLN B 128 -13.72 -25.77 25.62
CA GLN B 128 -15.02 -25.16 25.39
C GLN B 128 -16.03 -25.63 26.44
N PRO B 129 -17.00 -24.78 26.78
CA PRO B 129 -18.03 -25.18 27.75
C PRO B 129 -18.84 -26.36 27.23
N ALA B 130 -19.04 -27.35 28.08
CA ALA B 130 -19.79 -28.57 27.78
C ALA B 130 -19.20 -29.34 26.61
N GLY B 131 -17.91 -29.14 26.32
CA GLY B 131 -17.27 -29.84 25.22
C GLY B 131 -17.82 -29.50 23.86
N ALA B 132 -18.49 -28.35 23.72
CA ALA B 132 -19.07 -27.97 22.44
C ALA B 132 -17.97 -27.61 21.44
N ALA B 133 -18.35 -27.54 20.17
CA ALA B 133 -17.40 -27.19 19.13
C ALA B 133 -17.09 -25.69 19.17
N PRO B 134 -15.84 -25.31 18.88
CA PRO B 134 -15.52 -23.89 18.81
C PRO B 134 -16.19 -23.22 17.62
N ILE B 135 -16.30 -21.89 17.70
CA ILE B 135 -16.97 -21.11 16.68
C ILE B 135 -15.93 -20.51 15.75
N SER B 136 -16.35 -20.20 14.53
CA SER B 136 -15.46 -19.62 13.52
C SER B 136 -16.32 -19.07 12.39
N SER B 137 -15.66 -18.45 11.42
CA SER B 137 -16.34 -18.02 10.20
C SER B 137 -16.68 -19.18 9.28
N THR B 138 -15.96 -20.29 9.40
CA THR B 138 -16.11 -21.44 8.51
C THR B 138 -16.37 -22.68 9.34
N GLU B 139 -16.60 -23.80 8.65
CA GLU B 139 -16.68 -25.11 9.27
C GLU B 139 -15.44 -25.94 9.02
N LYS B 140 -14.50 -25.45 8.22
CA LYS B 140 -13.26 -26.17 7.93
C LYS B 140 -12.32 -26.08 9.13
N PRO B 141 -11.67 -27.18 9.50
CA PRO B 141 -10.74 -27.15 10.62
C PRO B 141 -9.33 -26.80 10.18
N ILE B 142 -8.53 -26.40 11.17
CA ILE B 142 -7.10 -26.18 10.92
C ILE B 142 -6.47 -27.49 10.46
N SER B 143 -5.62 -27.40 9.44
CA SER B 143 -5.07 -28.58 8.81
C SER B 143 -4.23 -29.40 9.80
N ASN B 144 -3.90 -30.63 9.38
CA ASN B 144 -3.21 -31.58 10.22
C ASN B 144 -1.76 -31.19 10.52
N ARG B 145 -1.22 -30.19 9.81
CA ARG B 145 0.14 -29.75 10.06
C ARG B 145 0.29 -29.03 11.39
N TRP B 146 -0.81 -28.52 11.95
CA TRP B 146 -0.80 -27.80 13.21
C TRP B 146 -1.48 -28.63 14.29
N ARG B 147 -0.94 -28.57 15.51
CA ARG B 147 -1.48 -29.28 16.66
C ARG B 147 -1.66 -28.30 17.81
N ILE B 148 -2.72 -28.51 18.58
CA ILE B 148 -3.04 -27.63 19.70
C ILE B 148 -2.47 -28.21 20.98
N LEU B 149 -1.99 -27.32 21.86
CA LEU B 149 -1.47 -27.74 23.16
C LEU B 149 -2.61 -28.08 24.10
N MET B 150 -2.56 -29.26 24.70
CA MET B 150 -3.58 -29.74 25.61
C MET B 150 -3.21 -29.39 27.05
N PRO B 151 -4.19 -29.37 27.96
CA PRO B 151 -3.90 -28.98 29.36
C PRO B 151 -2.92 -29.90 30.07
N ASP B 152 -2.71 -31.13 29.57
CA ASP B 152 -1.80 -32.07 30.22
C ASP B 152 -0.40 -32.06 29.62
N GLY B 153 -0.10 -31.09 28.76
CA GLY B 153 1.20 -30.97 28.15
C GLY B 153 1.35 -31.67 26.81
N THR B 154 0.47 -32.60 26.48
CA THR B 154 0.49 -33.24 25.18
C THR B 154 -0.09 -32.30 24.13
N HIS B 155 -0.13 -32.76 22.88
CA HIS B 155 -0.66 -31.99 21.78
C HIS B 155 -1.80 -32.74 21.12
N GLY B 156 -2.86 -32.03 20.79
CA GLY B 156 -4.04 -32.64 20.21
C GLY B 156 -4.32 -32.18 18.80
N ILE B 157 -5.50 -32.52 18.29
CA ILE B 157 -5.90 -32.25 16.91
C ILE B 157 -7.03 -31.24 16.93
N TYR B 158 -6.93 -30.21 16.09
CA TYR B 158 -7.98 -29.21 16.01
C TYR B 158 -9.26 -29.82 15.44
N PRO B 159 -10.41 -29.61 16.07
CA PRO B 159 -11.66 -30.20 15.55
C PRO B 159 -12.34 -29.31 14.53
N LYS B 160 -13.43 -29.78 13.96
CA LYS B 160 -14.21 -28.96 13.04
C LYS B 160 -14.96 -27.89 13.81
N PRO B 161 -14.80 -26.61 13.47
CA PRO B 161 -15.53 -25.55 14.15
C PRO B 161 -16.96 -25.46 13.63
N ARG B 162 -17.72 -24.53 14.22
CA ARG B 162 -19.10 -24.26 13.83
C ARG B 162 -19.16 -22.88 13.20
N ALA B 163 -19.66 -22.81 11.96
CA ALA B 163 -19.79 -21.53 11.27
C ALA B 163 -20.98 -20.77 11.84
N ILE B 164 -20.72 -19.61 12.42
CA ILE B 164 -21.75 -18.83 13.11
C ILE B 164 -22.48 -17.97 12.10
N GLY B 165 -23.75 -17.69 12.41
CA GLY B 165 -24.54 -16.76 11.62
C GLY B 165 -24.31 -15.33 12.03
N THR B 166 -24.97 -14.42 11.30
CA THR B 166 -24.75 -12.99 11.52
C THR B 166 -25.28 -12.53 12.86
N TYR B 167 -26.34 -13.18 13.37
CA TYR B 167 -26.84 -12.82 14.69
C TYR B 167 -25.83 -13.16 15.78
N GLU B 168 -25.20 -14.33 15.68
CA GLU B 168 -24.16 -14.68 16.66
C GLU B 168 -22.92 -13.84 16.48
N ILE B 169 -22.67 -13.35 15.26
CA ILE B 169 -21.54 -12.46 15.02
C ILE B 169 -21.68 -11.19 15.86
N SER B 170 -22.89 -10.61 15.89
CA SER B 170 -23.10 -9.41 16.69
C SER B 170 -23.00 -9.71 18.19
N GLN B 171 -23.30 -10.94 18.59
CA GLN B 171 -23.15 -11.29 20.00
C GLN B 171 -21.68 -11.38 20.39
N VAL B 172 -20.83 -11.85 19.48
CA VAL B 172 -19.39 -11.85 19.73
C VAL B 172 -18.87 -10.41 19.77
N VAL B 173 -19.37 -9.56 18.88
CA VAL B 173 -19.00 -8.15 18.91
C VAL B 173 -19.38 -7.52 20.25
N GLU B 174 -20.56 -7.88 20.77
CA GLU B 174 -20.96 -7.37 22.08
C GLU B 174 -20.03 -7.89 23.18
N ASP B 175 -19.54 -9.13 23.04
CA ASP B 175 -18.57 -9.65 24.00
C ASP B 175 -17.29 -8.82 24.00
N TYR B 176 -16.84 -8.40 22.81
CA TYR B 176 -15.71 -7.48 22.73
C TYR B 176 -16.02 -6.16 23.43
N ARG B 177 -17.26 -5.68 23.30
CA ARG B 177 -17.63 -4.41 23.91
C ARG B 177 -17.68 -4.52 25.43
N ARG B 178 -18.29 -5.60 25.95
CA ARG B 178 -18.37 -5.77 27.39
C ARG B 178 -17.00 -5.97 28.01
N SER B 179 -16.11 -6.70 27.32
CA SER B 179 -14.77 -6.93 27.85
C SER B 179 -13.95 -5.66 27.89
N ALA B 180 -14.15 -4.77 26.91
CA ALA B 180 -13.45 -3.49 26.93
C ALA B 180 -13.90 -2.62 28.09
N LEU B 181 -15.21 -2.63 28.38
CA LEU B 181 -15.71 -1.92 29.54
C LEU B 181 -15.19 -2.52 30.84
N ASN B 182 -15.12 -3.86 30.91
CA ASN B 182 -14.58 -4.51 32.09
C ASN B 182 -13.09 -4.20 32.28
N ALA B 183 -12.35 -4.04 31.18
CA ALA B 183 -10.95 -3.68 31.30
C ALA B 183 -10.76 -2.29 31.88
N ILE B 184 -11.61 -1.34 31.47
CA ILE B 184 -11.55 0.00 32.03
C ILE B 184 -11.93 -0.02 33.51
N GLU B 185 -12.93 -0.82 33.86
CA GLU B 185 -13.28 -0.95 35.27
C GLU B 185 -12.10 -1.50 36.08
N ALA B 186 -11.38 -2.48 35.53
CA ALA B 186 -10.21 -3.01 36.19
C ALA B 186 -9.08 -1.99 36.30
N GLY B 187 -9.17 -0.87 35.58
CA GLY B 187 -8.17 0.17 35.62
C GLY B 187 -7.24 0.21 34.43
N PHE B 188 -7.46 -0.64 33.42
CA PHE B 188 -6.57 -0.66 32.28
C PHE B 188 -6.62 0.67 31.53
N ASP B 189 -5.47 1.12 31.04
CA ASP B 189 -5.44 2.35 30.26
C ASP B 189 -6.15 2.19 28.92
N GLY B 190 -6.23 0.95 28.42
CA GLY B 190 -6.91 0.71 27.17
C GLY B 190 -6.89 -0.77 26.84
N ILE B 191 -7.36 -1.10 25.64
CA ILE B 191 -7.38 -2.47 25.16
C ILE B 191 -6.77 -2.52 23.77
N GLU B 192 -6.23 -3.69 23.43
CA GLU B 192 -5.76 -3.99 22.09
C GLU B 192 -6.62 -5.12 21.52
N ILE B 193 -7.10 -4.91 20.30
CA ILE B 193 -7.90 -5.92 19.60
C ILE B 193 -6.96 -6.91 18.93
N HIS B 194 -7.00 -8.16 19.37
CA HIS B 194 -6.15 -9.22 18.80
C HIS B 194 -6.82 -9.72 17.53
N GLY B 195 -6.36 -9.23 16.38
CA GLY B 195 -6.88 -9.68 15.11
C GLY B 195 -5.80 -10.25 14.22
N ALA B 196 -4.96 -11.10 14.81
CA ALA B 196 -3.82 -11.70 14.09
C ALA B 196 -3.60 -13.18 14.43
N HIS B 197 -2.57 -13.79 13.85
CA HIS B 197 -2.14 -15.17 14.21
C HIS B 197 -3.21 -16.23 13.90
N GLY B 198 -4.09 -15.97 12.95
CA GLY B 198 -5.10 -16.95 12.51
C GLY B 198 -6.15 -17.26 13.57
N TYR B 199 -6.41 -16.31 14.45
CA TYR B 199 -7.48 -16.55 15.41
C TYR B 199 -8.79 -16.00 14.84
N LEU B 200 -9.78 -15.76 15.70
CA LEU B 200 -11.15 -15.56 15.23
C LEU B 200 -11.25 -14.42 14.20
N ILE B 201 -10.64 -13.27 14.50
CA ILE B 201 -10.73 -12.14 13.61
C ILE B 201 -9.99 -12.42 12.31
N ASP B 202 -8.81 -13.02 12.39
CA ASP B 202 -8.08 -13.41 11.19
C ASP B 202 -8.81 -14.47 10.38
N GLN B 203 -9.67 -15.27 11.03
CA GLN B 203 -10.45 -16.26 10.32
C GLN B 203 -11.52 -15.63 9.44
N PHE B 204 -11.88 -14.38 9.70
CA PHE B 204 -12.73 -13.62 8.79
C PHE B 204 -11.93 -12.84 7.76
N LEU B 205 -10.74 -12.38 8.12
CA LEU B 205 -9.94 -11.54 7.22
C LEU B 205 -9.35 -12.36 6.08
N LYS B 206 -8.66 -13.45 6.40
CA LYS B 206 -7.92 -14.21 5.41
C LYS B 206 -8.88 -14.98 4.50
N ASP B 207 -8.71 -14.81 3.18
CA ASP B 207 -9.55 -15.55 2.24
C ASP B 207 -9.18 -17.03 2.18
N GLY B 208 -8.01 -17.41 2.69
CA GLY B 208 -7.69 -18.81 2.84
C GLY B 208 -8.47 -19.53 3.91
N ILE B 209 -9.15 -18.78 4.78
CA ILE B 209 -10.02 -19.35 5.80
C ILE B 209 -11.48 -18.99 5.54
N ASN B 210 -11.75 -17.72 5.25
CA ASN B 210 -13.12 -17.25 5.06
C ASN B 210 -13.66 -17.75 3.74
N ASP B 211 -14.56 -18.74 3.80
CA ASP B 211 -15.24 -19.26 2.62
C ASP B 211 -16.73 -18.94 2.65
N ARG B 212 -17.12 -17.89 3.37
CA ARG B 212 -18.51 -17.56 3.52
C ARG B 212 -19.09 -16.99 2.23
N THR B 213 -20.42 -17.07 2.12
CA THR B 213 -21.14 -16.54 0.97
C THR B 213 -22.11 -15.43 1.35
N ASP B 214 -22.18 -15.05 2.63
CA ASP B 214 -23.05 -13.97 3.07
C ASP B 214 -22.28 -12.66 3.01
N GLU B 215 -22.77 -11.63 3.71
CA GLU B 215 -22.13 -10.32 3.66
C GLU B 215 -20.83 -10.25 4.46
N TYR B 216 -20.39 -11.35 5.08
CA TYR B 216 -19.15 -11.37 5.82
C TYR B 216 -18.03 -12.11 5.09
N GLY B 217 -18.27 -12.59 3.87
CA GLY B 217 -17.26 -13.30 3.13
C GLY B 217 -17.20 -12.85 1.69
N GLY B 218 -16.11 -13.21 1.02
CA GLY B 218 -15.94 -12.88 -0.37
C GLY B 218 -15.04 -11.69 -0.62
N SER B 219 -15.64 -10.52 -0.88
CA SER B 219 -14.88 -9.33 -1.22
C SER B 219 -14.07 -8.85 -0.02
N LEU B 220 -13.11 -7.95 -0.31
CA LEU B 220 -12.31 -7.36 0.76
C LEU B 220 -13.17 -6.61 1.75
N ALA B 221 -14.21 -5.90 1.26
CA ALA B 221 -15.09 -5.17 2.15
C ALA B 221 -15.85 -6.12 3.07
N ASN B 222 -16.32 -7.24 2.53
CA ASN B 222 -17.04 -8.21 3.35
C ASN B 222 -16.11 -8.86 4.37
N ARG B 223 -14.88 -9.19 3.97
CA ARG B 223 -13.95 -9.85 4.87
C ARG B 223 -13.41 -8.92 5.94
N CYS B 224 -13.47 -7.60 5.73
CA CYS B 224 -13.08 -6.63 6.74
C CYS B 224 -14.25 -6.22 7.62
N LYS B 225 -15.45 -6.73 7.37
CA LYS B 225 -16.62 -6.26 8.10
C LYS B 225 -16.56 -6.65 9.57
N PHE B 226 -16.06 -7.85 9.87
CA PHE B 226 -16.05 -8.32 11.26
C PHE B 226 -15.11 -7.49 12.12
N ILE B 227 -13.86 -7.31 11.67
CA ILE B 227 -12.92 -6.52 12.46
C ILE B 227 -13.35 -5.07 12.56
N THR B 228 -14.01 -4.55 11.51
CA THR B 228 -14.52 -3.18 11.55
C THR B 228 -15.55 -3.03 12.65
N GLN B 229 -16.54 -3.92 12.68
CA GLN B 229 -17.61 -3.83 13.68
C GLN B 229 -17.09 -4.04 15.09
N VAL B 230 -16.02 -4.83 15.24
CA VAL B 230 -15.43 -5.01 16.56
C VAL B 230 -14.76 -3.71 17.03
N VAL B 231 -13.98 -3.09 16.15
CA VAL B 231 -13.26 -1.84 16.53
C VAL B 231 -14.29 -0.74 16.79
N GLN B 232 -15.34 -0.68 15.98
CA GLN B 232 -16.38 0.35 16.16
C GLN B 232 -17.02 0.21 17.55
N ALA B 233 -17.34 -1.02 17.96
CA ALA B 233 -18.02 -1.23 19.26
C ALA B 233 -17.10 -0.82 20.42
N VAL B 234 -15.82 -1.19 20.37
CA VAL B 234 -14.95 -0.84 21.50
C VAL B 234 -14.62 0.64 21.48
N VAL B 235 -14.59 1.27 20.31
CA VAL B 235 -14.38 2.71 20.24
C VAL B 235 -15.55 3.45 20.87
N SER B 236 -16.78 3.07 20.50
CA SER B 236 -17.96 3.72 21.05
C SER B 236 -18.10 3.48 22.54
N ALA B 237 -17.48 2.43 23.07
CA ALA B 237 -17.63 2.10 24.49
C ALA B 237 -16.63 2.83 25.38
N ILE B 238 -15.36 2.85 24.98
CA ILE B 238 -14.29 3.39 25.83
C ILE B 238 -13.50 4.50 25.17
N GLY B 239 -13.79 4.83 23.91
CA GLY B 239 -13.05 5.88 23.22
C GLY B 239 -11.92 5.36 22.35
N ALA B 240 -11.74 5.98 21.18
CA ALA B 240 -10.74 5.52 20.22
C ALA B 240 -9.33 5.63 20.78
N ASP B 241 -9.04 6.65 21.59
CA ASP B 241 -7.70 6.86 22.13
C ASP B 241 -7.29 5.77 23.12
N ARG B 242 -8.19 4.87 23.51
CA ARG B 242 -7.86 3.76 24.39
C ARG B 242 -8.03 2.41 23.68
N VAL B 243 -7.95 2.39 22.36
CA VAL B 243 -8.17 1.18 21.57
C VAL B 243 -6.99 0.97 20.63
N GLY B 244 -6.31 -0.16 20.77
CA GLY B 244 -5.29 -0.56 19.82
C GLY B 244 -5.77 -1.73 18.97
N VAL B 245 -5.15 -1.93 17.82
CA VAL B 245 -5.53 -3.01 16.91
C VAL B 245 -4.26 -3.69 16.42
N ARG B 246 -4.23 -5.02 16.49
CA ARG B 246 -3.08 -5.80 16.05
C ARG B 246 -3.51 -6.74 14.93
N VAL B 247 -2.74 -6.74 13.84
CA VAL B 247 -2.97 -7.61 12.70
C VAL B 247 -1.64 -8.18 12.23
N SER B 248 -1.72 -9.24 11.43
CA SER B 248 -0.54 -9.88 10.85
C SER B 248 -0.92 -10.45 9.50
N PRO B 249 -0.98 -9.61 8.46
CA PRO B 249 -1.49 -10.09 7.16
C PRO B 249 -0.62 -11.15 6.52
N ALA B 250 0.69 -11.15 6.77
CA ALA B 250 1.61 -12.04 6.07
C ALA B 250 2.18 -13.13 6.98
N ILE B 251 1.44 -13.53 8.01
CA ILE B 251 1.81 -14.65 8.86
C ILE B 251 0.79 -15.76 8.62
N ASP B 252 1.28 -16.94 8.25
CA ASP B 252 0.44 -18.07 7.87
C ASP B 252 0.19 -19.03 9.03
N HIS B 253 0.19 -18.52 10.27
CA HIS B 253 -0.04 -19.37 11.43
C HIS B 253 -1.46 -19.92 11.43
N LEU B 254 -1.58 -21.24 11.59
CA LEU B 254 -2.88 -21.92 11.64
C LEU B 254 -3.67 -21.72 10.35
N ASP B 255 -2.97 -21.90 9.22
CA ASP B 255 -3.57 -21.79 7.88
C ASP B 255 -4.17 -20.41 7.61
N ALA B 256 -3.55 -19.36 8.16
CA ALA B 256 -4.04 -18.00 7.99
C ALA B 256 -3.34 -17.32 6.81
N MET B 257 -3.53 -17.89 5.63
CA MET B 257 -2.94 -17.37 4.41
C MET B 257 -3.97 -16.58 3.61
N ASP B 258 -3.52 -15.46 3.05
CA ASP B 258 -4.33 -14.68 2.12
C ASP B 258 -3.63 -14.62 0.78
N SER B 259 -4.42 -14.68 -0.31
CA SER B 259 -3.85 -14.64 -1.65
C SER B 259 -3.12 -13.35 -1.94
N ASN B 260 -3.46 -12.26 -1.24
CA ASN B 260 -2.81 -10.97 -1.41
C ASN B 260 -2.69 -10.30 -0.06
N PRO B 261 -1.67 -10.67 0.72
CA PRO B 261 -1.54 -10.11 2.08
C PRO B 261 -1.33 -8.61 2.09
N LEU B 262 -0.69 -8.06 1.06
CA LEU B 262 -0.46 -6.62 1.02
C LEU B 262 -1.77 -5.87 0.78
N SER B 263 -2.63 -6.39 -0.10
CA SER B 263 -3.93 -5.76 -0.34
C SER B 263 -4.83 -5.87 0.89
N LEU B 264 -4.78 -7.00 1.59
CA LEU B 264 -5.61 -7.18 2.77
C LEU B 264 -5.21 -6.20 3.88
N GLY B 265 -3.90 -6.06 4.12
CA GLY B 265 -3.44 -5.13 5.13
C GLY B 265 -3.83 -3.70 4.82
N LEU B 266 -3.71 -3.28 3.56
CA LEU B 266 -4.14 -1.94 3.18
C LEU B 266 -5.65 -1.77 3.30
N ALA B 267 -6.41 -2.84 3.03
CA ALA B 267 -7.86 -2.76 3.21
C ALA B 267 -8.21 -2.55 4.68
N VAL B 268 -7.53 -3.26 5.59
CA VAL B 268 -7.78 -3.06 7.01
C VAL B 268 -7.43 -1.62 7.42
N VAL B 269 -6.29 -1.13 6.95
CA VAL B 269 -5.87 0.24 7.28
C VAL B 269 -6.90 1.25 6.79
N GLU B 270 -7.47 1.00 5.61
CA GLU B 270 -8.47 1.92 5.06
C GLU B 270 -9.68 2.03 5.98
N ARG B 271 -10.15 0.91 6.52
CA ARG B 271 -11.29 0.95 7.43
C ARG B 271 -10.92 1.60 8.75
N LEU B 272 -9.70 1.39 9.22
CA LEU B 272 -9.27 2.03 10.47
C LEU B 272 -9.20 3.53 10.32
N ASN B 273 -8.71 4.02 9.18
CA ASN B 273 -8.69 5.47 8.93
C ASN B 273 -10.11 6.03 8.86
N LYS B 274 -11.03 5.28 8.26
CA LYS B 274 -12.41 5.74 8.16
C LYS B 274 -13.07 5.80 9.54
N ILE B 275 -12.76 4.85 10.41
CA ILE B 275 -13.29 4.87 11.77
C ILE B 275 -12.77 6.10 12.51
N GLN B 276 -11.49 6.44 12.31
CA GLN B 276 -10.92 7.59 12.98
C GLN B 276 -11.54 8.90 12.49
N LEU B 277 -11.85 8.98 11.19
CA LEU B 277 -12.49 10.18 10.68
C LEU B 277 -13.96 10.27 11.09
N HIS B 278 -14.64 9.12 11.23
CA HIS B 278 -16.04 9.15 11.62
C HIS B 278 -16.20 9.50 13.09
N SER B 279 -15.37 8.94 13.96
CA SER B 279 -15.46 9.21 15.39
C SER B 279 -14.78 10.51 15.79
N GLY B 280 -14.05 11.14 14.88
CA GLY B 280 -13.37 12.39 15.21
C GLY B 280 -12.20 12.25 16.15
N SER B 281 -11.67 11.04 16.30
CA SER B 281 -10.54 10.80 17.19
C SER B 281 -9.68 9.69 16.61
N LYS B 282 -8.40 9.69 16.98
CA LYS B 282 -7.46 8.71 16.46
C LYS B 282 -7.38 7.51 17.39
N LEU B 283 -7.24 6.32 16.80
CA LEU B 283 -6.96 5.13 17.57
C LEU B 283 -5.64 5.29 18.32
N ALA B 284 -5.50 4.50 19.39
CA ALA B 284 -4.26 4.53 20.17
C ALA B 284 -3.06 4.21 19.28
N TYR B 285 -3.15 3.15 18.49
CA TYR B 285 -2.06 2.74 17.62
C TYR B 285 -2.55 1.64 16.68
N LEU B 286 -1.76 1.39 15.65
CA LEU B 286 -1.85 0.20 14.84
C LEU B 286 -0.63 -0.66 15.12
N HIS B 287 -0.86 -1.95 15.36
CA HIS B 287 0.19 -2.89 15.74
C HIS B 287 0.28 -3.98 14.68
N VAL B 288 1.37 -4.01 13.94
CA VAL B 288 1.57 -5.00 12.88
C VAL B 288 2.76 -5.86 13.24
N THR B 289 2.56 -7.18 13.24
CA THR B 289 3.63 -8.13 13.47
C THR B 289 3.84 -8.96 12.22
N ALA B 290 5.07 -9.43 12.04
CA ALA B 290 5.45 -10.19 10.85
C ALA B 290 6.40 -11.31 11.26
N GLU B 291 6.80 -12.11 10.28
CA GLU B 291 7.75 -13.19 10.53
C GLU B 291 9.06 -12.63 11.06
N ALA B 292 9.60 -13.29 12.09
CA ALA B 292 10.82 -12.83 12.74
C ALA B 292 12.08 -13.08 11.91
N ASP B 293 11.97 -13.81 10.80
CA ASP B 293 13.12 -14.15 9.97
C ASP B 293 13.42 -13.10 8.91
N TRP B 294 12.76 -11.95 8.96
CA TRP B 294 12.99 -10.89 7.97
C TRP B 294 14.39 -10.30 8.11
N GLU B 305 12.24 -3.66 -3.03
CA GLU B 305 10.84 -3.72 -2.62
C GLU B 305 10.70 -3.43 -1.12
N ALA B 306 9.83 -2.48 -0.79
CA ALA B 306 9.61 -2.12 0.60
C ALA B 306 8.89 -3.24 1.35
N ARG B 307 9.16 -3.32 2.65
CA ARG B 307 8.51 -4.32 3.48
C ARG B 307 7.01 -4.04 3.59
N LEU B 308 6.26 -5.11 3.89
CA LEU B 308 4.85 -4.95 4.24
C LEU B 308 4.69 -4.01 5.45
N MET B 309 5.65 -4.04 6.37
CA MET B 309 5.55 -3.22 7.57
C MET B 309 5.54 -1.73 7.22
N ARG B 310 6.44 -1.32 6.32
CA ARG B 310 6.53 0.10 5.98
C ARG B 310 5.35 0.55 5.13
N THR B 311 4.82 -0.32 4.28
CA THR B 311 3.68 0.03 3.45
C THR B 311 2.44 0.30 4.31
N LEU B 312 2.19 -0.56 5.30
CA LEU B 312 1.04 -0.32 6.17
C LEU B 312 1.27 0.90 7.06
N ARG B 313 2.51 1.17 7.44
CA ARG B 313 2.81 2.35 8.25
C ARG B 313 2.52 3.62 7.45
N ASN B 314 2.91 3.65 6.17
CA ASN B 314 2.67 4.84 5.36
C ASN B 314 1.20 5.08 5.11
N ALA B 315 0.40 4.01 5.05
CA ALA B 315 -1.03 4.15 4.75
C ALA B 315 -1.87 4.52 5.96
N TYR B 316 -1.39 4.21 7.16
CA TYR B 316 -2.17 4.44 8.38
C TYR B 316 -1.89 5.82 8.95
N GLN B 317 -2.96 6.50 9.37
CA GLN B 317 -2.88 7.85 9.93
C GLN B 317 -2.90 7.74 11.45
N GLY B 318 -1.72 7.55 12.04
CA GLY B 318 -1.62 7.50 13.49
C GLY B 318 -0.38 6.74 13.93
N THR B 319 -0.38 6.37 15.20
CA THR B 319 0.76 5.68 15.80
C THR B 319 0.87 4.26 15.25
N PHE B 320 2.11 3.84 14.97
CA PHE B 320 2.38 2.54 14.39
C PHE B 320 3.40 1.80 15.23
N ILE B 321 3.12 0.53 15.51
CA ILE B 321 4.02 -0.31 16.31
C ILE B 321 4.46 -1.49 15.44
N CYS B 322 5.76 -1.62 15.24
CA CYS B 322 6.31 -2.73 14.48
C CYS B 322 6.70 -3.86 15.44
N SER B 323 6.55 -5.09 14.94
CA SER B 323 6.74 -6.27 15.79
C SER B 323 7.23 -7.43 14.94
N GLY B 324 8.11 -8.24 15.53
CA GLY B 324 8.57 -9.45 14.88
C GLY B 324 10.06 -9.48 14.61
N GLY B 325 10.80 -10.17 15.48
CA GLY B 325 12.22 -10.34 15.28
C GLY B 325 13.05 -9.07 15.35
N TYR B 326 12.66 -8.13 16.19
CA TYR B 326 13.40 -6.89 16.34
C TYR B 326 14.43 -7.02 17.46
N THR B 327 15.62 -6.50 17.20
CA THR B 327 16.72 -6.48 18.14
C THR B 327 16.95 -5.06 18.61
N ARG B 328 18.07 -4.85 19.33
CA ARG B 328 18.41 -3.50 19.75
C ARG B 328 18.74 -2.61 18.55
N GLU B 329 19.64 -3.08 17.68
CA GLU B 329 20.03 -2.27 16.53
C GLU B 329 18.87 -2.11 15.55
N LEU B 330 18.14 -3.20 15.28
CA LEU B 330 16.99 -3.10 14.38
C LEU B 330 15.89 -2.21 14.95
N GLY B 331 15.71 -2.23 16.27
CA GLY B 331 14.74 -1.32 16.88
C GLY B 331 15.15 0.13 16.75
N ILE B 332 16.42 0.43 17.01
CA ILE B 332 16.93 1.79 16.80
C ILE B 332 16.78 2.19 15.35
N GLU B 333 17.09 1.28 14.43
CA GLU B 333 17.00 1.57 13.00
C GLU B 333 15.57 1.86 12.57
N ALA B 334 14.59 1.14 13.14
CA ALA B 334 13.21 1.29 12.72
C ALA B 334 12.66 2.67 13.10
N VAL B 335 13.02 3.17 14.27
CA VAL B 335 12.50 4.47 14.70
C VAL B 335 13.25 5.60 14.00
N ALA B 336 14.57 5.48 13.86
CA ALA B 336 15.34 6.55 13.24
C ALA B 336 14.93 6.78 11.80
N GLN B 337 14.62 5.70 11.08
CA GLN B 337 14.22 5.79 9.68
C GLN B 337 12.72 5.99 9.51
N GLY B 338 11.98 6.21 10.60
CA GLY B 338 10.56 6.47 10.52
C GLY B 338 9.70 5.26 10.21
N ASP B 339 10.26 4.05 10.26
CA ASP B 339 9.47 2.86 9.97
C ASP B 339 8.39 2.60 11.01
N ALA B 340 8.54 3.13 12.21
CA ALA B 340 7.56 2.93 13.27
C ALA B 340 7.77 3.96 14.36
N ASP B 341 6.71 4.18 15.14
CA ASP B 341 6.78 5.04 16.30
C ASP B 341 7.15 4.28 17.57
N LEU B 342 6.73 3.02 17.67
CA LEU B 342 7.03 2.17 18.81
C LEU B 342 7.49 0.81 18.30
N VAL B 343 8.29 0.12 19.12
CA VAL B 343 8.81 -1.21 18.79
C VAL B 343 8.48 -2.13 19.95
N SER B 344 7.75 -3.21 19.67
CA SER B 344 7.39 -4.19 20.69
C SER B 344 8.32 -5.40 20.61
N TYR B 345 8.76 -5.87 21.77
CA TYR B 345 9.65 -7.01 21.88
C TYR B 345 8.93 -8.14 22.62
N GLY B 346 9.03 -9.35 22.09
CA GLY B 346 8.32 -10.51 22.60
C GLY B 346 9.26 -11.40 23.38
N ARG B 347 9.90 -12.36 22.71
CA ARG B 347 10.65 -13.40 23.40
C ARG B 347 11.80 -12.84 24.22
N LEU B 348 12.45 -11.77 23.76
CA LEU B 348 13.53 -11.18 24.55
C LEU B 348 13.01 -10.61 25.86
N PHE B 349 11.74 -10.18 25.88
CA PHE B 349 11.16 -9.65 27.10
C PHE B 349 10.79 -10.73 28.10
N ILE B 350 10.67 -11.98 27.64
CA ILE B 350 10.43 -13.09 28.57
C ILE B 350 11.65 -13.29 29.47
N SER B 351 12.84 -13.34 28.88
CA SER B 351 14.04 -13.67 29.62
C SER B 351 14.79 -12.44 30.13
N ASN B 352 14.36 -11.23 29.78
CA ASN B 352 15.01 -10.01 30.23
C ASN B 352 13.94 -9.11 30.84
N PRO B 353 13.69 -9.23 32.15
CA PRO B 353 12.68 -8.37 32.78
C PRO B 353 13.03 -6.89 32.68
N ASP B 354 14.32 -6.56 32.76
CA ASP B 354 14.79 -5.20 32.55
C ASP B 354 15.31 -5.00 31.13
N LEU B 355 14.50 -5.43 30.16
CA LEU B 355 14.91 -5.31 28.75
C LEU B 355 15.05 -3.87 28.32
N VAL B 356 14.17 -2.99 28.82
CA VAL B 356 14.29 -1.57 28.52
C VAL B 356 15.62 -1.03 28.99
N MET B 357 16.05 -1.42 30.19
CA MET B 357 17.33 -0.96 30.72
C MET B 357 18.50 -1.55 29.93
N ARG B 358 18.40 -2.82 29.54
CA ARG B 358 19.48 -3.44 28.78
C ARG B 358 19.62 -2.83 27.40
N ILE B 359 18.51 -2.39 26.79
CA ILE B 359 18.59 -1.74 25.49
C ILE B 359 19.25 -0.36 25.61
N LYS B 360 18.97 0.35 26.71
CA LYS B 360 19.59 1.66 26.89
C LYS B 360 21.10 1.55 27.11
N LEU B 361 21.54 0.55 27.86
CA LEU B 361 22.94 0.35 28.17
C LEU B 361 23.69 -0.46 27.12
N ASN B 362 22.98 -1.04 26.16
CA ASN B 362 23.57 -2.02 25.24
C ASN B 362 24.19 -3.17 26.03
N ALA B 363 23.48 -3.62 27.04
CA ALA B 363 23.95 -4.72 27.88
C ALA B 363 23.57 -6.05 27.25
N PRO B 364 24.34 -7.10 27.52
CA PRO B 364 24.01 -8.42 26.95
C PRO B 364 22.69 -8.93 27.47
N LEU B 365 22.02 -9.75 26.64
CA LEU B 365 20.67 -10.21 26.90
C LEU B 365 20.69 -11.68 27.34
N ASN B 366 19.67 -12.06 28.09
CA ASN B 366 19.53 -13.43 28.56
C ASN B 366 18.79 -14.28 27.52
N LYS B 367 19.14 -15.56 27.48
CA LYS B 367 18.43 -16.51 26.63
C LYS B 367 17.10 -16.89 27.25
N TYR B 368 16.11 -17.11 26.40
CA TYR B 368 14.79 -17.55 26.83
C TYR B 368 14.65 -19.05 26.64
N ASN B 369 13.83 -19.67 27.50
CA ASN B 369 13.61 -21.11 27.49
C ASN B 369 12.21 -21.38 26.94
N ARG B 370 12.15 -21.95 25.74
CA ARG B 370 10.87 -22.24 25.13
C ARG B 370 10.07 -23.25 25.94
N LYS B 371 10.74 -24.14 26.66
CA LYS B 371 10.05 -25.19 27.40
C LYS B 371 9.05 -24.60 28.41
N THR B 372 9.42 -23.50 29.06
CA THR B 372 8.56 -22.89 30.08
C THR B 372 7.76 -21.70 29.53
N PHE B 373 7.51 -21.66 28.22
CA PHE B 373 6.68 -20.60 27.66
C PHE B 373 5.24 -20.73 28.14
N TYR B 374 4.69 -21.94 28.15
CA TYR B 374 3.28 -22.17 28.43
C TYR B 374 3.05 -23.08 29.62
N THR B 375 4.04 -23.19 30.51
CA THR B 375 3.85 -23.99 31.73
C THR B 375 3.09 -23.17 32.77
N GLN B 376 2.79 -23.80 33.91
CA GLN B 376 1.90 -23.21 34.90
C GLN B 376 2.61 -22.77 36.18
N ASP B 377 3.89 -23.04 36.34
CA ASP B 377 4.57 -22.69 37.57
C ASP B 377 4.66 -21.18 37.70
N PRO B 378 4.28 -20.61 38.85
CA PRO B 378 4.29 -19.14 38.99
C PRO B 378 5.67 -18.53 39.08
N VAL B 379 6.74 -19.32 39.09
CA VAL B 379 8.09 -18.78 39.24
C VAL B 379 9.01 -19.32 38.14
N VAL B 380 9.07 -20.63 38.01
CA VAL B 380 10.04 -21.25 37.11
C VAL B 380 9.72 -20.86 35.67
N GLY B 381 10.69 -20.24 35.00
CA GLY B 381 10.49 -19.78 33.64
C GLY B 381 9.51 -18.64 33.49
N TYR B 382 9.13 -17.98 34.59
CA TYR B 382 8.17 -16.90 34.54
C TYR B 382 8.72 -15.62 35.17
N THR B 383 9.08 -15.65 36.45
CA THR B 383 9.64 -14.48 37.13
C THR B 383 11.05 -14.71 37.64
N ASP B 384 11.67 -15.85 37.33
CA ASP B 384 13.00 -16.16 37.83
C ASP B 384 14.10 -15.90 36.81
N TYR B 385 13.81 -15.17 35.74
CA TYR B 385 14.85 -14.69 34.86
C TYR B 385 15.58 -13.53 35.52
N PRO B 386 16.90 -13.56 35.62
CA PRO B 386 17.61 -12.58 36.46
C PRO B 386 17.64 -11.19 35.84
N PHE B 387 17.72 -10.20 36.71
CA PHE B 387 17.93 -8.83 36.30
C PHE B 387 19.41 -8.59 36.00
N LEU B 388 19.68 -7.42 35.42
CA LEU B 388 21.05 -7.04 35.08
C LEU B 388 21.86 -6.71 36.33
#